data_5XJM
#
_entry.id   5XJM
#
_cell.length_a   465.390
_cell.length_b   48.650
_cell.length_c   55.700
_cell.angle_alpha   90.000
_cell.angle_beta   90.000
_cell.angle_gamma   90.000
#
_symmetry.space_group_name_H-M   'P 21 21 2'
#
loop_
_entity.id
_entity.type
_entity.pdbx_description
1 polymer 'Type-2 angiotensin II receptor,Soluble cytochrome b562,Type-2 angiotensin II receptor'
2 polymer FabH
3 polymer FabL
4 polymer 'Sar1, Ile8-angiotensin II'
#
loop_
_entity_poly.entity_id
_entity_poly.type
_entity_poly.pdbx_seq_one_letter_code
_entity_poly.pdbx_strand_id
1 'polypeptide(L)'
;GCSQKPSDKHLDAIPILYYIIFVIGFLVNIVVVTLFCCQKGPKKVSSIYIFNLAVADLLLLATLPLWATYYSYRYDWLFG
PVMCKVFGSFLTLNMFASIFFITCMSVDRYQSVIYPFLSQRRNPWQASYIVPLVWCMACLSSLPTFYFRDVRTIEYLGVN
ACIMAFPPEKYAQWSAGIALMKNILGFIIPLIFIATCYFGIRKHLLKTNADLEDNWETLNDNLKVIEKADNAAQVKDALT
KMRAAALDAQKATPPKLEDKSPDSPEMKDFRHGFDILVGQIDDALKLANEGKVKEAQAAAEQLKTTRNAYIQKYLKNRIT
RDQVLKMAAAVVLAFIICWLPFHVLTFLDALAWMGVINSCEVIAVIDLALPFAILLGFTNSCVNPFLYCFVGNRFQQKLR
SVFRVPITWLQGKRESENLYFQ
;
A
2 'polypeptide(L)'
;DVQLVESGGGLVQPGGSRKLSCAASGFTFSGFGMHWVRQAPEKGLEWVAYISSGSSLIYYADTVKGRFTISRDNPKNTLF
LQMTSLRSEDTAMYFCATSLYYGTPWFAYWGQGTLVTVSAAKTTPPSVYPLAPGCGDTTGSSVTLGCLVKGYFPESVTVT
WNSGSLSSSVHTFPALLQSGLYTMSSSVTVPSSTWPSQTVTCSVAHPASSTTVDKKLEPS
;
H
3 'polypeptide(L)'
;DIVLTQSPAIMSASPGEKVTMTCSASSSVTYMYWYQQKPGSSPRLLIYDTSNLASGVPVRFSGSGSGTSYSLTISRMEAE
DAATFYCQQWSSYPLTFGAGTKLELKRADAAPTVSIFPPSSEQLTSGGASVVCFLNNFYPKDINVKWKIDGSERQNGVLN
SWTDQDSKDSTYSMSSTLTLTKDEYERHNSYTCEATHKTSTSPIVKSFNRNE
;
L
4 'polypeptide(L)' (SAR)RVYIHPI B
#
# COMPACT_ATOMS: atom_id res chain seq x y z
N CYS A 2 19.53 0.84 7.88
CA CYS A 2 19.21 -0.04 6.77
C CYS A 2 17.70 -0.10 6.54
N SER A 3 16.97 -0.32 7.62
CA SER A 3 15.53 -0.55 7.54
C SER A 3 14.80 0.72 7.11
N GLN A 4 14.14 0.66 5.95
CA GLN A 4 13.28 1.71 5.46
C GLN A 4 11.98 1.07 4.98
N LYS A 5 11.01 1.91 4.63
CA LYS A 5 9.80 1.37 4.03
C LYS A 5 10.06 1.11 2.55
N PRO A 6 10.05 -0.15 2.11
CA PRO A 6 10.30 -0.45 0.71
C PRO A 6 9.18 0.03 -0.19
N SER A 7 9.49 0.20 -1.46
CA SER A 7 8.52 0.64 -2.45
C SER A 7 7.36 -0.35 -2.55
N ASP A 8 6.19 0.05 -2.06
CA ASP A 8 5.01 -0.81 -2.09
C ASP A 8 4.18 -0.63 -3.35
N LYS A 9 4.56 0.30 -4.23
CA LYS A 9 3.83 0.54 -5.47
C LYS A 9 4.20 -0.45 -6.57
N HIS A 10 4.74 -1.62 -6.22
CA HIS A 10 5.05 -2.66 -7.18
C HIS A 10 3.91 -3.64 -7.37
N LEU A 11 2.96 -3.69 -6.45
CA LEU A 11 1.84 -4.63 -6.53
C LEU A 11 0.58 -4.00 -7.09
N ASP A 12 0.72 -2.92 -7.87
CA ASP A 12 -0.45 -2.32 -8.51
C ASP A 12 -0.96 -3.20 -9.64
N ALA A 13 -0.05 -3.74 -10.46
CA ALA A 13 -0.42 -4.57 -11.58
C ALA A 13 -0.46 -6.07 -11.23
N ILE A 14 -0.25 -6.43 -9.96
CA ILE A 14 -0.28 -7.83 -9.58
C ILE A 14 -1.66 -8.46 -9.77
N PRO A 15 -2.76 -7.87 -9.27
CA PRO A 15 -4.07 -8.50 -9.52
C PRO A 15 -4.46 -8.57 -10.98
N ILE A 16 -3.98 -7.62 -11.80
CA ILE A 16 -4.26 -7.68 -13.23
C ILE A 16 -3.60 -8.90 -13.85
N LEU A 17 -2.34 -9.16 -13.49
CA LEU A 17 -1.66 -10.35 -13.98
C LEU A 17 -2.33 -11.62 -13.45
N TYR A 18 -2.77 -11.59 -12.18
CA TYR A 18 -3.51 -12.74 -11.63
C TYR A 18 -4.75 -13.03 -12.44
N TYR A 19 -5.49 -11.98 -12.84
CA TYR A 19 -6.70 -12.21 -13.62
C TYR A 19 -6.41 -12.63 -15.04
N ILE A 20 -5.32 -12.13 -15.63
CA ILE A 20 -4.94 -12.55 -16.97
C ILE A 20 -4.60 -14.03 -16.99
N ILE A 21 -3.73 -14.46 -16.06
CA ILE A 21 -3.40 -15.88 -15.93
C ILE A 21 -4.65 -16.68 -15.62
N PHE A 22 -5.58 -16.11 -14.85
CA PHE A 22 -6.80 -16.81 -14.50
C PHE A 22 -7.66 -17.09 -15.73
N VAL A 23 -7.88 -16.07 -16.57
CA VAL A 23 -8.77 -16.25 -17.71
C VAL A 23 -8.10 -17.11 -18.77
N ILE A 24 -6.81 -16.87 -19.05
CA ILE A 24 -6.12 -17.63 -20.08
C ILE A 24 -5.99 -19.09 -19.67
N GLY A 25 -5.33 -19.34 -18.54
CA GLY A 25 -5.15 -20.71 -18.09
C GLY A 25 -6.46 -21.41 -17.80
N PHE A 26 -7.44 -20.67 -17.28
CA PHE A 26 -8.74 -21.27 -16.99
C PHE A 26 -9.45 -21.71 -18.26
N LEU A 27 -9.46 -20.85 -19.28
CA LEU A 27 -10.10 -21.21 -20.54
C LEU A 27 -9.37 -22.37 -21.22
N VAL A 28 -8.03 -22.36 -21.17
CA VAL A 28 -7.26 -23.44 -21.79
C VAL A 28 -7.56 -24.77 -21.10
N ASN A 29 -7.48 -24.79 -19.76
CA ASN A 29 -7.77 -26.03 -19.04
C ASN A 29 -9.21 -26.46 -19.21
N ILE A 30 -10.14 -25.52 -19.39
CA ILE A 30 -11.52 -25.89 -19.70
C ILE A 30 -11.59 -26.58 -21.06
N VAL A 31 -10.86 -26.05 -22.05
CA VAL A 31 -10.84 -26.67 -23.37
C VAL A 31 -10.27 -28.10 -23.29
N VAL A 32 -9.18 -28.27 -22.55
CA VAL A 32 -8.55 -29.59 -22.47
C VAL A 32 -9.45 -30.57 -21.73
N VAL A 33 -9.95 -30.18 -20.57
CA VAL A 33 -10.78 -31.08 -19.76
C VAL A 33 -12.05 -31.45 -20.52
N THR A 34 -12.67 -30.47 -21.19
CA THR A 34 -13.85 -30.78 -21.99
C THR A 34 -13.52 -31.66 -23.19
N LEU A 35 -12.33 -31.50 -23.77
CA LEU A 35 -11.90 -32.41 -24.83
C LEU A 35 -11.78 -33.83 -24.30
N PHE A 36 -11.27 -34.00 -23.08
CA PHE A 36 -11.28 -35.32 -22.47
C PHE A 36 -12.70 -35.80 -22.20
N CYS A 37 -13.62 -34.88 -21.92
CA CYS A 37 -15.03 -35.24 -21.77
C CYS A 37 -15.68 -35.60 -23.09
N CYS A 38 -15.05 -35.25 -24.22
CA CYS A 38 -15.58 -35.60 -25.53
C CYS A 38 -14.99 -36.92 -26.05
N GLN A 39 -13.66 -37.00 -26.13
CA GLN A 39 -13.02 -38.20 -26.67
C GLN A 39 -12.89 -39.32 -25.64
N LYS A 40 -12.96 -39.00 -24.34
CA LYS A 40 -12.90 -39.98 -23.25
C LYS A 40 -11.58 -40.74 -23.24
N GLY A 41 -11.27 -41.46 -24.32
CA GLY A 41 -10.09 -42.28 -24.37
C GLY A 41 -10.29 -43.58 -23.63
N PRO A 42 -10.84 -44.59 -24.33
CA PRO A 42 -11.20 -45.85 -23.67
C PRO A 42 -9.99 -46.61 -23.14
N LYS A 43 -9.76 -46.53 -21.83
CA LYS A 43 -8.73 -47.29 -21.12
C LYS A 43 -7.33 -46.97 -21.69
N LYS A 44 -6.90 -45.74 -21.41
CA LYS A 44 -5.58 -45.27 -21.78
C LYS A 44 -4.87 -44.74 -20.55
N VAL A 45 -3.55 -44.59 -20.65
CA VAL A 45 -2.72 -44.21 -19.52
C VAL A 45 -2.43 -42.71 -19.56
N SER A 46 -1.82 -42.25 -20.65
CA SER A 46 -1.40 -40.86 -20.73
C SER A 46 -2.58 -39.90 -20.71
N SER A 47 -3.70 -40.29 -21.31
CA SER A 47 -4.87 -39.42 -21.35
C SER A 47 -5.42 -39.18 -19.95
N ILE A 48 -5.37 -40.19 -19.08
CA ILE A 48 -5.85 -40.02 -17.71
C ILE A 48 -4.97 -39.02 -16.96
N TYR A 49 -3.65 -39.15 -17.09
CA TYR A 49 -2.75 -38.22 -16.43
C TYR A 49 -2.92 -36.80 -16.98
N ILE A 50 -3.17 -36.68 -18.28
CA ILE A 50 -3.44 -35.37 -18.86
C ILE A 50 -4.70 -34.78 -18.25
N PHE A 51 -5.76 -35.59 -18.14
CA PHE A 51 -7.02 -35.11 -17.59
C PHE A 51 -6.87 -34.66 -16.15
N ASN A 52 -6.26 -35.51 -15.31
CA ASN A 52 -6.10 -35.15 -13.90
C ASN A 52 -5.19 -33.94 -13.74
N LEU A 53 -4.15 -33.83 -14.57
CA LEU A 53 -3.26 -32.68 -14.51
C LEU A 53 -4.00 -31.39 -14.84
N ALA A 54 -4.73 -31.38 -15.97
CA ALA A 54 -5.51 -30.20 -16.33
C ALA A 54 -6.63 -29.93 -15.34
N VAL A 55 -7.06 -30.95 -14.57
CA VAL A 55 -8.06 -30.72 -13.53
C VAL A 55 -7.42 -30.01 -12.34
N ALA A 56 -6.24 -30.46 -11.92
CA ALA A 56 -5.54 -29.80 -10.83
C ALA A 56 -5.23 -28.34 -11.18
N ASP A 57 -4.68 -28.12 -12.38
CA ASP A 57 -4.44 -26.75 -12.81
C ASP A 57 -5.74 -25.96 -12.92
N LEU A 58 -6.83 -26.62 -13.33
CA LEU A 58 -8.11 -25.94 -13.44
C LEU A 58 -8.61 -25.47 -12.08
N LEU A 59 -8.39 -26.28 -11.04
CA LEU A 59 -8.80 -25.87 -9.69
C LEU A 59 -7.89 -24.77 -9.16
N LEU A 60 -6.59 -24.86 -9.47
CA LEU A 60 -5.66 -23.80 -9.07
C LEU A 60 -6.08 -22.46 -9.66
N LEU A 61 -6.21 -22.39 -10.98
CA LEU A 61 -6.66 -21.18 -11.63
C LEU A 61 -8.06 -20.79 -11.17
N ALA A 62 -8.87 -21.78 -10.75
CA ALA A 62 -10.17 -21.47 -10.19
C ALA A 62 -10.04 -20.75 -8.85
N THR A 63 -8.98 -21.02 -8.09
CA THR A 63 -8.73 -20.31 -6.84
C THR A 63 -7.92 -19.03 -7.02
N LEU A 64 -7.40 -18.79 -8.22
CA LEU A 64 -6.67 -17.54 -8.47
C LEU A 64 -7.45 -16.26 -8.17
N PRO A 65 -8.73 -16.13 -8.57
CA PRO A 65 -9.41 -14.82 -8.37
C PRO A 65 -9.43 -14.34 -6.93
N LEU A 66 -9.58 -15.25 -5.96
CA LEU A 66 -9.60 -14.84 -4.56
C LEU A 66 -8.27 -14.20 -4.16
N TRP A 67 -7.16 -14.75 -4.67
CA TRP A 67 -5.86 -14.17 -4.38
C TRP A 67 -5.63 -12.89 -5.16
N ALA A 68 -6.26 -12.75 -6.33
CA ALA A 68 -6.24 -11.48 -7.03
C ALA A 68 -6.92 -10.40 -6.18
N THR A 69 -8.08 -10.73 -5.61
CA THR A 69 -8.72 -9.81 -4.68
C THR A 69 -7.88 -9.58 -3.44
N TYR A 70 -7.09 -10.59 -3.03
CA TYR A 70 -6.21 -10.42 -1.89
C TYR A 70 -5.13 -9.39 -2.16
N TYR A 71 -4.51 -9.45 -3.35
CA TYR A 71 -3.52 -8.45 -3.71
C TYR A 71 -4.14 -7.10 -4.06
N SER A 72 -5.45 -7.09 -4.37
CA SER A 72 -6.10 -5.81 -4.67
C SER A 72 -6.22 -4.95 -3.41
N TYR A 73 -6.59 -5.55 -2.28
CA TYR A 73 -6.73 -4.83 -1.02
C TYR A 73 -5.42 -4.73 -0.24
N ARG A 74 -4.30 -5.09 -0.86
CA ARG A 74 -2.98 -5.03 -0.25
C ARG A 74 -2.92 -5.85 1.04
N TYR A 75 -2.88 -7.17 0.84
CA TYR A 75 -2.69 -8.19 1.87
C TYR A 75 -3.81 -8.26 2.89
N ASP A 76 -4.95 -7.61 2.63
CA ASP A 76 -6.07 -7.61 3.55
C ASP A 76 -7.05 -8.73 3.15
N TRP A 77 -7.17 -9.74 4.00
CA TRP A 77 -8.09 -10.84 3.76
C TRP A 77 -9.41 -10.57 4.47
N LEU A 78 -10.51 -10.61 3.72
CA LEU A 78 -11.82 -10.27 4.24
C LEU A 78 -12.82 -11.42 4.16
N PHE A 79 -12.35 -12.63 3.86
CA PHE A 79 -13.24 -13.77 3.64
C PHE A 79 -13.37 -14.69 4.85
N GLY A 80 -12.53 -14.52 5.87
CA GLY A 80 -12.64 -15.31 7.07
C GLY A 80 -11.56 -16.36 7.18
N PRO A 81 -11.38 -16.92 8.38
CA PRO A 81 -10.32 -17.92 8.57
C PRO A 81 -10.59 -19.23 7.84
N VAL A 82 -11.87 -19.65 7.78
CA VAL A 82 -12.20 -20.91 7.12
C VAL A 82 -11.82 -20.87 5.66
N MET A 83 -12.11 -19.75 4.98
CA MET A 83 -11.75 -19.63 3.57
C MET A 83 -10.24 -19.53 3.40
N CYS A 84 -9.53 -18.93 4.36
CA CYS A 84 -8.07 -18.89 4.31
C CYS A 84 -7.49 -20.30 4.37
N LYS A 85 -8.01 -21.12 5.30
CA LYS A 85 -7.57 -22.51 5.39
C LYS A 85 -7.89 -23.28 4.11
N VAL A 86 -9.17 -23.29 3.72
CA VAL A 86 -9.62 -24.14 2.62
C VAL A 86 -8.96 -23.72 1.31
N PHE A 87 -8.91 -22.42 1.03
CA PHE A 87 -8.39 -21.98 -0.25
C PHE A 87 -6.86 -21.93 -0.27
N GLY A 88 -6.22 -21.68 0.87
CA GLY A 88 -4.78 -21.74 0.92
C GLY A 88 -4.27 -23.16 0.76
N SER A 89 -4.75 -24.06 1.61
CA SER A 89 -4.36 -25.46 1.54
C SER A 89 -4.84 -26.10 0.24
N PHE A 90 -5.94 -25.59 -0.33
CA PHE A 90 -6.41 -26.10 -1.61
C PHE A 90 -5.52 -25.63 -2.74
N LEU A 91 -5.04 -24.39 -2.68
CA LEU A 91 -4.08 -23.90 -3.65
C LEU A 91 -2.80 -24.71 -3.61
N THR A 92 -2.23 -24.89 -2.41
CA THR A 92 -1.02 -25.71 -2.27
C THR A 92 -1.27 -27.14 -2.74
N LEU A 93 -2.46 -27.68 -2.44
CA LEU A 93 -2.79 -29.04 -2.85
C LEU A 93 -2.81 -29.17 -4.37
N ASN A 94 -3.41 -28.20 -5.06
CA ASN A 94 -3.42 -28.23 -6.51
C ASN A 94 -2.02 -28.06 -7.09
N MET A 95 -1.18 -27.25 -6.44
CA MET A 95 0.20 -27.12 -6.89
C MET A 95 0.94 -28.46 -6.80
N PHE A 96 0.94 -29.07 -5.61
CA PHE A 96 1.66 -30.33 -5.44
C PHE A 96 1.10 -31.43 -6.33
N ALA A 97 -0.23 -31.48 -6.49
CA ALA A 97 -0.83 -32.45 -7.40
C ALA A 97 -0.37 -32.21 -8.83
N SER A 98 -0.26 -30.94 -9.23
CA SER A 98 0.19 -30.62 -10.58
C SER A 98 1.62 -31.08 -10.81
N ILE A 99 2.53 -30.70 -9.92
CA ILE A 99 3.94 -31.06 -10.09
C ILE A 99 4.12 -32.57 -10.05
N PHE A 100 3.47 -33.23 -9.08
CA PHE A 100 3.60 -34.68 -8.97
C PHE A 100 3.04 -35.38 -10.21
N PHE A 101 1.95 -34.85 -10.78
CA PHE A 101 1.41 -35.44 -11.99
C PHE A 101 2.35 -35.24 -13.17
N ILE A 102 3.01 -34.08 -13.24
CA ILE A 102 3.98 -33.85 -14.32
C ILE A 102 5.14 -34.83 -14.19
N THR A 103 5.65 -35.03 -12.98
CA THR A 103 6.72 -35.99 -12.78
C THR A 103 6.28 -37.40 -13.16
N CYS A 104 5.07 -37.79 -12.74
CA CYS A 104 4.56 -39.11 -13.09
C CYS A 104 4.41 -39.27 -14.60
N MET A 105 4.04 -38.20 -15.31
CA MET A 105 3.98 -38.26 -16.76
C MET A 105 5.36 -38.41 -17.37
N SER A 106 6.37 -37.78 -16.77
CA SER A 106 7.74 -37.97 -17.23
C SER A 106 8.18 -39.42 -17.05
N VAL A 107 7.77 -40.04 -15.94
CA VAL A 107 8.09 -41.45 -15.72
C VAL A 107 7.37 -42.33 -16.74
N ASP A 108 6.09 -42.05 -16.99
CA ASP A 108 5.33 -42.88 -17.92
C ASP A 108 5.86 -42.74 -19.34
N ARG A 109 6.31 -41.54 -19.73
CA ARG A 109 6.91 -41.38 -21.05
C ARG A 109 8.27 -42.05 -21.12
N TYR A 110 9.06 -41.98 -20.04
CA TYR A 110 10.32 -42.69 -19.99
C TYR A 110 10.13 -44.19 -20.22
N GLN A 111 9.20 -44.79 -19.46
CA GLN A 111 8.93 -46.21 -19.63
C GLN A 111 8.37 -46.51 -21.01
N SER A 112 7.53 -45.61 -21.55
CA SER A 112 6.94 -45.83 -22.85
C SER A 112 7.96 -45.70 -23.98
N VAL A 113 9.08 -45.03 -23.75
CA VAL A 113 10.09 -44.85 -24.78
C VAL A 113 11.17 -45.91 -24.69
N ILE A 114 11.77 -46.09 -23.51
CA ILE A 114 12.87 -47.05 -23.39
C ILE A 114 12.34 -48.48 -23.43
N TYR A 115 11.19 -48.72 -22.81
CA TYR A 115 10.60 -50.06 -22.72
C TYR A 115 9.26 -50.07 -23.44
N PRO A 116 9.24 -50.25 -24.76
CA PRO A 116 7.96 -50.37 -25.47
C PRO A 116 7.21 -51.65 -25.12
N PHE A 117 7.77 -52.44 -24.21
CA PHE A 117 7.08 -53.62 -23.71
C PHE A 117 5.81 -53.23 -22.95
N LEU A 118 5.89 -52.14 -22.17
CA LEU A 118 4.76 -51.67 -21.37
C LEU A 118 3.70 -51.09 -22.32
N SER A 119 2.84 -51.96 -22.83
CA SER A 119 1.75 -51.56 -23.70
C SER A 119 0.52 -52.40 -23.42
N GLN A 120 0.22 -52.60 -22.13
CA GLN A 120 -0.89 -53.43 -21.69
C GLN A 120 -2.00 -52.57 -21.09
N ARG A 121 -3.19 -53.15 -21.01
CA ARG A 121 -4.33 -52.48 -20.37
C ARG A 121 -4.33 -52.63 -18.86
N ARG A 122 -3.34 -53.32 -18.29
CA ARG A 122 -3.17 -53.33 -16.84
C ARG A 122 -2.53 -52.05 -16.33
N ASN A 123 -1.96 -51.23 -17.22
CA ASN A 123 -1.35 -49.96 -16.88
C ASN A 123 -2.43 -48.93 -16.51
N PRO A 124 -3.57 -48.86 -17.21
CA PRO A 124 -4.67 -48.03 -16.70
C PRO A 124 -5.13 -48.45 -15.31
N TRP A 125 -5.28 -49.75 -15.07
CA TRP A 125 -5.67 -50.22 -13.74
C TRP A 125 -4.59 -49.88 -12.71
N GLN A 126 -3.33 -49.82 -13.12
CA GLN A 126 -2.29 -49.34 -12.22
C GLN A 126 -2.47 -47.85 -11.95
N ALA A 127 -2.86 -47.08 -12.96
CA ALA A 127 -3.12 -45.66 -12.76
C ALA A 127 -4.31 -45.43 -11.84
N SER A 128 -5.26 -46.38 -11.80
CA SER A 128 -6.36 -46.30 -10.86
C SER A 128 -5.87 -46.36 -9.41
N TYR A 129 -4.63 -46.78 -9.19
CA TYR A 129 -4.00 -46.71 -7.88
C TYR A 129 -2.97 -45.60 -7.77
N ILE A 130 -2.34 -45.23 -8.89
CA ILE A 130 -1.32 -44.17 -8.86
C ILE A 130 -1.96 -42.82 -8.64
N VAL A 131 -3.07 -42.54 -9.34
CA VAL A 131 -3.75 -41.25 -9.18
C VAL A 131 -4.20 -41.01 -7.75
N PRO A 132 -4.90 -41.94 -7.09
CA PRO A 132 -5.18 -41.75 -5.66
C PRO A 132 -3.93 -41.71 -4.80
N LEU A 133 -2.85 -42.37 -5.24
CA LEU A 133 -1.59 -42.28 -4.52
C LEU A 133 -0.96 -40.90 -4.70
N VAL A 134 -1.05 -40.33 -5.90
CA VAL A 134 -0.54 -38.99 -6.14
C VAL A 134 -1.32 -37.97 -5.32
N TRP A 135 -2.65 -38.08 -5.32
CA TRP A 135 -3.46 -37.18 -4.50
C TRP A 135 -3.20 -37.39 -3.01
N CYS A 136 -2.92 -38.62 -2.60
CA CYS A 136 -2.65 -38.89 -1.19
C CYS A 136 -1.32 -38.24 -0.77
N MET A 137 -0.26 -38.45 -1.56
CA MET A 137 1.01 -37.82 -1.26
C MET A 137 0.91 -36.30 -1.34
N ALA A 138 0.03 -35.78 -2.20
CA ALA A 138 -0.14 -34.34 -2.30
C ALA A 138 -0.87 -33.77 -1.08
N CYS A 139 -1.87 -34.50 -0.57
CA CYS A 139 -2.54 -34.06 0.64
C CYS A 139 -1.62 -34.13 1.84
N LEU A 140 -0.93 -35.26 2.01
CA LEU A 140 0.06 -35.38 3.08
C LEU A 140 1.19 -34.38 2.92
N SER A 141 1.40 -33.87 1.70
CA SER A 141 2.36 -32.79 1.50
C SER A 141 1.76 -31.43 1.85
N SER A 142 0.45 -31.29 1.72
CA SER A 142 -0.24 -30.03 2.01
C SER A 142 -0.73 -29.95 3.44
N LEU A 143 -0.50 -30.98 4.26
CA LEU A 143 -0.88 -30.91 5.67
C LEU A 143 -0.27 -29.73 6.42
N PRO A 144 1.04 -29.40 6.26
CA PRO A 144 1.55 -28.20 6.93
C PRO A 144 0.85 -26.93 6.49
N THR A 145 0.45 -26.84 5.22
CA THR A 145 -0.35 -25.70 4.76
C THR A 145 -1.79 -25.78 5.23
N PHE A 146 -2.20 -26.90 5.84
CA PHE A 146 -3.54 -27.03 6.41
C PHE A 146 -3.56 -26.77 7.91
N TYR A 147 -2.45 -26.99 8.60
CA TYR A 147 -2.42 -26.86 10.05
C TYR A 147 -2.01 -25.46 10.50
N PHE A 148 -1.25 -24.72 9.68
CA PHE A 148 -0.75 -23.42 10.07
C PHE A 148 -1.39 -22.25 9.34
N ARG A 149 -1.94 -22.47 8.15
CA ARG A 149 -2.55 -21.38 7.38
C ARG A 149 -3.78 -20.86 8.11
N ASP A 150 -3.71 -19.65 8.62
CA ASP A 150 -4.81 -19.05 9.35
C ASP A 150 -4.73 -17.54 9.21
N VAL A 151 -5.80 -16.85 9.62
CA VAL A 151 -5.87 -15.40 9.58
C VAL A 151 -5.36 -14.83 10.89
N ARG A 152 -4.40 -13.91 10.80
CA ARG A 152 -3.88 -13.21 11.97
C ARG A 152 -3.90 -11.72 11.70
N THR A 153 -4.06 -10.95 12.78
CA THR A 153 -4.10 -9.49 12.69
C THR A 153 -2.69 -8.94 12.74
N ILE A 154 -2.37 -8.03 11.81
CA ILE A 154 -1.10 -7.33 11.79
C ILE A 154 -1.40 -5.86 12.03
N GLU A 155 -1.02 -5.35 13.21
CA GLU A 155 -1.36 -4.00 13.59
C GLU A 155 -0.50 -2.97 12.87
N TYR A 156 0.80 -3.27 12.68
CA TYR A 156 1.67 -2.31 12.00
C TYR A 156 1.20 -2.06 10.56
N LEU A 157 0.63 -3.07 9.92
CA LEU A 157 0.01 -2.88 8.62
C LEU A 157 -1.47 -2.53 8.71
N GLY A 158 -2.06 -2.64 9.90
CA GLY A 158 -3.49 -2.40 10.07
C GLY A 158 -4.31 -3.28 9.17
N VAL A 159 -3.98 -4.58 9.13
CA VAL A 159 -4.51 -5.48 8.11
C VAL A 159 -4.66 -6.88 8.70
N ASN A 160 -5.82 -7.48 8.49
CA ASN A 160 -6.02 -8.90 8.81
C ASN A 160 -5.52 -9.74 7.64
N ALA A 161 -4.39 -10.42 7.84
CA ALA A 161 -3.71 -11.13 6.78
C ALA A 161 -3.90 -12.64 6.93
N CYS A 162 -4.03 -13.33 5.79
CA CYS A 162 -4.12 -14.78 5.75
C CYS A 162 -2.70 -15.32 5.59
N ILE A 163 -2.10 -15.72 6.71
CA ILE A 163 -0.68 -16.09 6.74
C ILE A 163 -0.52 -17.53 7.23
N MET A 164 0.73 -17.94 7.44
CA MET A 164 1.04 -19.22 8.06
C MET A 164 1.27 -18.96 9.55
N ALA A 165 0.32 -19.38 10.38
CA ALA A 165 0.35 -19.09 11.81
C ALA A 165 1.22 -20.10 12.53
N PHE A 166 2.54 -19.91 12.40
CA PHE A 166 3.48 -20.71 13.15
C PHE A 166 3.56 -20.21 14.59
N PRO A 167 3.99 -21.06 15.52
CA PRO A 167 4.21 -20.61 16.89
C PRO A 167 5.23 -19.48 16.93
N PRO A 168 4.88 -18.34 17.53
CA PRO A 168 5.80 -17.20 17.51
C PRO A 168 7.12 -17.45 18.22
N GLU A 169 7.18 -18.46 19.10
CA GLU A 169 8.44 -18.76 19.79
C GLU A 169 9.50 -19.24 18.81
N LYS A 170 9.15 -20.19 17.95
CA LYS A 170 10.08 -20.69 16.94
C LYS A 170 9.52 -20.44 15.55
N TYR A 171 9.17 -19.18 15.26
CA TYR A 171 8.53 -18.85 13.99
C TYR A 171 9.51 -18.94 12.84
N ALA A 172 10.73 -18.42 13.02
CA ALA A 172 11.71 -18.45 11.93
C ALA A 172 12.14 -19.88 11.62
N GLN A 173 12.27 -20.73 12.64
CA GLN A 173 12.67 -22.12 12.41
C GLN A 173 11.59 -22.88 11.66
N TRP A 174 10.32 -22.69 12.02
CA TRP A 174 9.23 -23.32 11.29
C TRP A 174 9.13 -22.78 9.87
N SER A 175 9.38 -21.48 9.69
CA SER A 175 9.30 -20.89 8.36
C SER A 175 10.38 -21.46 7.44
N ALA A 176 11.63 -21.47 7.92
CA ALA A 176 12.71 -22.03 7.12
C ALA A 176 12.54 -23.53 6.91
N GLY A 177 11.98 -24.23 7.90
CA GLY A 177 11.78 -25.66 7.77
C GLY A 177 10.73 -26.00 6.71
N ILE A 178 9.56 -25.36 6.79
CA ILE A 178 8.52 -25.58 5.79
C ILE A 178 8.98 -25.11 4.42
N ALA A 179 9.77 -24.03 4.38
CA ALA A 179 10.33 -23.59 3.10
C ALA A 179 11.25 -24.64 2.51
N LEU A 180 12.09 -25.27 3.34
CA LEU A 180 12.94 -26.35 2.86
C LEU A 180 12.12 -27.55 2.41
N MET A 181 11.00 -27.81 3.09
CA MET A 181 10.10 -28.87 2.65
C MET A 181 9.53 -28.56 1.27
N LYS A 182 9.19 -27.29 1.02
CA LYS A 182 8.71 -26.90 -0.30
C LYS A 182 9.80 -27.01 -1.35
N ASN A 183 11.05 -26.72 -0.99
CA ASN A 183 12.15 -26.81 -1.95
C ASN A 183 12.44 -28.26 -2.31
N ILE A 184 12.53 -29.14 -1.32
CA ILE A 184 12.85 -30.53 -1.59
C ILE A 184 11.68 -31.23 -2.26
N LEU A 185 10.49 -31.10 -1.69
CA LEU A 185 9.33 -31.85 -2.16
C LEU A 185 8.67 -31.21 -3.37
N GLY A 186 8.97 -29.95 -3.68
CA GLY A 186 8.29 -29.25 -4.74
C GLY A 186 9.15 -28.91 -5.94
N PHE A 187 10.42 -29.33 -5.93
CA PHE A 187 11.29 -29.01 -7.05
C PHE A 187 12.46 -29.98 -7.16
N ILE A 188 13.15 -30.24 -6.05
CA ILE A 188 14.39 -31.03 -6.10
C ILE A 188 14.11 -32.43 -6.63
N ILE A 189 13.23 -33.16 -5.96
CA ILE A 189 12.89 -34.51 -6.41
C ILE A 189 12.26 -34.51 -7.82
N PRO A 190 11.27 -33.67 -8.12
CA PRO A 190 10.76 -33.64 -9.50
C PRO A 190 11.82 -33.27 -10.52
N LEU A 191 12.79 -32.42 -10.17
CA LEU A 191 13.86 -32.10 -11.10
C LEU A 191 14.80 -33.29 -11.30
N ILE A 192 15.00 -34.10 -10.25
CA ILE A 192 15.83 -35.29 -10.40
C ILE A 192 15.15 -36.31 -11.30
N PHE A 193 13.86 -36.58 -11.05
CA PHE A 193 13.14 -37.55 -11.86
C PHE A 193 13.00 -37.08 -13.31
N ILE A 194 12.50 -35.86 -13.50
CA ILE A 194 12.32 -35.33 -14.85
C ILE A 194 13.65 -35.24 -15.58
N ALA A 195 14.69 -34.80 -14.89
CA ALA A 195 16.01 -34.66 -15.52
C ALA A 195 16.54 -36.02 -15.96
N THR A 196 16.55 -37.00 -15.05
CA THR A 196 17.03 -38.33 -15.40
C THR A 196 16.21 -38.94 -16.53
N CYS A 197 14.89 -38.69 -16.55
CA CYS A 197 14.07 -39.17 -17.65
C CYS A 197 14.48 -38.53 -18.97
N TYR A 198 14.75 -37.23 -18.97
CA TYR A 198 15.17 -36.57 -20.19
C TYR A 198 16.52 -37.09 -20.68
N PHE A 199 17.46 -37.30 -19.77
CA PHE A 199 18.75 -37.86 -20.17
C PHE A 199 18.59 -39.27 -20.72
N GLY A 200 17.67 -40.05 -20.15
CA GLY A 200 17.43 -41.39 -20.65
C GLY A 200 16.85 -41.38 -22.06
N ILE A 201 15.80 -40.58 -22.28
CA ILE A 201 15.15 -40.54 -23.58
C ILE A 201 16.10 -39.96 -24.62
N ARG A 202 16.90 -38.97 -24.25
CA ARG A 202 17.86 -38.39 -25.19
C ARG A 202 18.95 -39.39 -25.54
N LYS A 203 19.48 -40.08 -24.54
CA LYS A 203 20.53 -41.08 -24.78
C LYS A 203 20.02 -42.21 -25.67
N HIS A 204 18.96 -42.89 -25.24
CA HIS A 204 18.42 -44.00 -26.00
C HIS A 204 17.96 -43.58 -27.39
N LEU A 205 17.36 -42.40 -27.50
CA LEU A 205 16.84 -41.94 -28.78
C LEU A 205 17.98 -41.62 -29.75
N LEU A 206 18.92 -40.78 -29.31
CA LEU A 206 20.03 -40.38 -30.19
C LEU A 206 20.87 -41.58 -30.60
N LYS A 207 21.24 -42.42 -29.63
CA LYS A 207 22.04 -43.61 -29.96
C LYS A 207 21.25 -44.54 -30.87
N THR A 208 19.93 -44.63 -30.67
CA THR A 208 19.08 -45.46 -31.53
C THR A 208 19.14 -44.97 -32.98
N ASN A 209 18.94 -43.67 -33.18
CA ASN A 209 18.94 -43.14 -34.54
C ASN A 209 20.32 -43.28 -35.19
N ALA A 210 21.39 -43.05 -34.42
CA ALA A 210 22.74 -43.20 -34.94
C ALA A 210 22.98 -44.64 -35.41
N ASP A 211 22.59 -45.62 -34.57
CA ASP A 211 22.72 -47.01 -34.96
C ASP A 211 21.87 -47.33 -36.18
N LEU A 212 20.71 -46.69 -36.31
CA LEU A 212 19.85 -46.92 -37.46
C LEU A 212 20.54 -46.46 -38.75
N GLU A 213 21.10 -45.26 -38.74
CA GLU A 213 21.83 -44.79 -39.92
C GLU A 213 23.04 -45.67 -40.20
N ASP A 214 23.76 -46.08 -39.16
CA ASP A 214 24.90 -46.99 -39.32
C ASP A 214 24.48 -48.26 -40.06
N ASN A 215 23.48 -48.97 -39.53
CA ASN A 215 23.03 -50.20 -40.16
C ASN A 215 22.56 -49.96 -41.58
N TRP A 216 21.73 -48.94 -41.80
CA TRP A 216 21.20 -48.66 -43.13
C TRP A 216 22.33 -48.46 -44.14
N GLU A 217 23.33 -47.65 -43.78
CA GLU A 217 24.44 -47.41 -44.69
C GLU A 217 25.22 -48.69 -44.96
N THR A 218 25.38 -49.54 -43.94
CA THR A 218 26.00 -50.85 -44.19
C THR A 218 25.16 -51.69 -45.14
N LEU A 219 23.83 -51.57 -45.06
CA LEU A 219 22.95 -52.27 -46.00
C LEU A 219 23.23 -51.85 -47.43
N ASN A 220 23.20 -50.54 -47.69
CA ASN A 220 23.42 -50.06 -49.05
C ASN A 220 24.83 -50.41 -49.54
N ASP A 221 25.83 -50.30 -48.67
CA ASP A 221 27.19 -50.66 -49.05
C ASP A 221 27.27 -52.13 -49.44
N ASN A 222 26.69 -53.01 -48.63
CA ASN A 222 26.78 -54.44 -48.91
C ASN A 222 26.01 -54.82 -50.17
N LEU A 223 24.87 -54.16 -50.42
CA LEU A 223 24.13 -54.43 -51.66
C LEU A 223 24.93 -53.98 -52.88
N LYS A 224 25.53 -52.79 -52.82
CA LYS A 224 26.38 -52.34 -53.91
C LYS A 224 27.58 -53.27 -54.10
N VAL A 225 28.06 -53.89 -53.02
CA VAL A 225 29.13 -54.88 -53.14
C VAL A 225 28.62 -56.12 -53.87
N ILE A 226 27.41 -56.58 -53.52
CA ILE A 226 26.85 -57.76 -54.19
C ILE A 226 26.66 -57.50 -55.67
N GLU A 227 26.23 -56.29 -56.04
CA GLU A 227 25.90 -56.01 -57.43
C GLU A 227 27.13 -56.08 -58.34
N LYS A 228 28.32 -55.81 -57.80
CA LYS A 228 29.54 -55.75 -58.62
C LYS A 228 30.63 -56.65 -57.99
N ALA A 229 30.29 -57.92 -57.80
CA ALA A 229 31.25 -58.90 -57.29
C ALA A 229 30.69 -60.30 -57.57
N ASP A 230 31.39 -61.06 -58.41
CA ASP A 230 30.96 -62.40 -58.81
C ASP A 230 32.02 -63.41 -58.34
N ASN A 231 31.96 -63.73 -57.05
CA ASN A 231 32.84 -64.74 -56.47
C ASN A 231 32.00 -65.72 -55.67
N ALA A 232 32.66 -66.77 -55.17
CA ALA A 232 31.97 -67.82 -54.43
C ALA A 232 31.68 -67.41 -52.99
N ALA A 233 32.72 -67.06 -52.24
CA ALA A 233 32.59 -66.77 -50.82
C ALA A 233 32.47 -65.27 -50.54
N GLN A 234 32.05 -64.47 -51.53
CA GLN A 234 31.86 -63.04 -51.33
C GLN A 234 30.40 -62.65 -51.21
N VAL A 235 29.55 -63.13 -52.12
CA VAL A 235 28.12 -62.83 -52.04
C VAL A 235 27.53 -63.39 -50.75
N LYS A 236 28.04 -64.54 -50.29
CA LYS A 236 27.57 -65.13 -49.04
C LYS A 236 27.90 -64.24 -47.85
N ASP A 237 29.13 -63.74 -47.79
CA ASP A 237 29.53 -62.89 -46.67
C ASP A 237 28.80 -61.55 -46.71
N ALA A 238 28.62 -60.97 -47.90
CA ALA A 238 27.89 -59.72 -48.01
C ALA A 238 26.43 -59.90 -47.61
N LEU A 239 25.82 -61.03 -48.00
CA LEU A 239 24.46 -61.33 -47.54
C LEU A 239 24.42 -61.53 -46.03
N THR A 240 25.47 -62.10 -45.45
CA THR A 240 25.54 -62.23 -43.99
C THR A 240 25.58 -60.85 -43.33
N LYS A 241 26.36 -59.93 -43.89
CA LYS A 241 26.39 -58.57 -43.36
C LYS A 241 25.03 -57.89 -43.50
N MET A 242 24.34 -58.13 -44.60
CA MET A 242 23.01 -57.55 -44.78
C MET A 242 22.03 -58.12 -43.77
N ARG A 243 22.13 -59.42 -43.46
CA ARG A 243 21.22 -60.02 -42.50
C ARG A 243 21.50 -59.53 -41.09
N ALA A 244 22.78 -59.45 -40.70
CA ALA A 244 23.13 -58.97 -39.37
C ALA A 244 22.71 -57.51 -39.19
N ALA A 245 23.05 -56.66 -40.16
CA ALA A 245 22.70 -55.26 -40.07
C ALA A 245 21.20 -55.05 -40.18
N ALA A 246 20.49 -55.97 -40.84
CA ALA A 246 19.02 -55.88 -40.88
C ALA A 246 18.40 -56.34 -39.57
N LEU A 247 19.07 -57.24 -38.84
CA LEU A 247 18.55 -57.68 -37.54
C LEU A 247 18.84 -56.65 -36.46
N ASP A 248 19.98 -55.97 -36.54
CA ASP A 248 20.28 -54.91 -35.57
C ASP A 248 19.42 -53.68 -35.81
N ALA A 249 19.07 -53.40 -37.07
CA ALA A 249 18.17 -52.32 -37.40
C ALA A 249 16.70 -52.69 -37.23
N GLN A 250 16.41 -53.94 -36.89
CA GLN A 250 15.02 -54.36 -36.66
C GLN A 250 14.41 -53.62 -35.49
N LYS A 251 15.21 -53.24 -34.50
CA LYS A 251 14.72 -52.59 -33.28
C LYS A 251 14.25 -51.18 -33.64
N ALA A 252 12.97 -51.09 -34.04
CA ALA A 252 12.35 -49.81 -34.41
C ALA A 252 10.83 -50.00 -34.26
N THR A 253 10.37 -49.96 -33.02
CA THR A 253 8.96 -50.21 -32.73
C THR A 253 8.15 -48.94 -32.91
N PRO A 254 7.03 -48.98 -33.65
CA PRO A 254 6.14 -47.83 -33.83
C PRO A 254 5.06 -47.74 -32.74
N ASP A 269 3.55 -52.39 -39.68
CA ASP A 269 4.04 -51.67 -40.85
C ASP A 269 5.56 -51.70 -40.91
N PHE A 270 6.21 -51.12 -39.91
CA PHE A 270 7.67 -51.14 -39.85
C PHE A 270 8.19 -52.56 -39.69
N ARG A 271 7.69 -53.27 -38.68
CA ARG A 271 8.10 -54.66 -38.47
C ARG A 271 7.80 -55.52 -39.70
N HIS A 272 6.78 -55.15 -40.47
CA HIS A 272 6.49 -55.86 -41.71
C HIS A 272 7.59 -55.65 -42.73
N GLY A 273 8.08 -54.41 -42.86
CA GLY A 273 9.13 -54.13 -43.82
C GLY A 273 10.46 -54.76 -43.42
N PHE A 274 10.87 -54.54 -42.16
CA PHE A 274 12.13 -55.12 -41.70
C PHE A 274 12.07 -56.65 -41.72
N ASP A 275 10.94 -57.23 -41.29
CA ASP A 275 10.82 -58.68 -41.28
C ASP A 275 10.82 -59.26 -42.69
N ILE A 276 10.13 -58.58 -43.63
CA ILE A 276 10.16 -59.01 -45.02
C ILE A 276 11.58 -58.97 -45.56
N LEU A 277 12.31 -57.90 -45.24
CA LEU A 277 13.71 -57.79 -45.67
C LEU A 277 14.55 -58.94 -45.12
N VAL A 278 14.37 -59.26 -43.84
CA VAL A 278 15.13 -60.36 -43.24
C VAL A 278 14.80 -61.68 -43.90
N GLY A 279 13.51 -61.89 -44.22
CA GLY A 279 13.13 -63.12 -44.89
C GLY A 279 13.70 -63.24 -46.29
N GLN A 280 13.66 -62.15 -47.06
CA GLN A 280 14.21 -62.18 -48.41
C GLN A 280 15.72 -62.39 -48.39
N ILE A 281 16.42 -61.72 -47.47
CA ILE A 281 17.86 -61.95 -47.34
C ILE A 281 18.14 -63.39 -46.92
N ASP A 282 17.24 -63.97 -46.12
CA ASP A 282 17.44 -65.35 -45.67
C ASP A 282 17.28 -66.34 -46.83
N ASP A 283 16.23 -66.16 -47.64
CA ASP A 283 16.05 -67.04 -48.80
C ASP A 283 17.15 -66.84 -49.83
N ALA A 284 17.58 -65.59 -50.05
CA ALA A 284 18.69 -65.34 -50.95
C ALA A 284 19.96 -66.00 -50.43
N LEU A 285 20.14 -66.03 -49.11
CA LEU A 285 21.26 -66.78 -48.53
C LEU A 285 21.08 -68.27 -48.73
N LYS A 286 19.84 -68.77 -48.76
CA LYS A 286 19.61 -70.17 -49.07
C LYS A 286 19.99 -70.48 -50.51
N LEU A 287 19.75 -69.55 -51.43
CA LEU A 287 20.21 -69.74 -52.81
C LEU A 287 21.74 -69.62 -52.90
N ALA A 288 22.35 -68.79 -52.05
CA ALA A 288 23.80 -68.67 -52.06
C ALA A 288 24.47 -69.92 -51.52
N ASN A 289 23.86 -70.57 -50.53
CA ASN A 289 24.43 -71.78 -49.95
C ASN A 289 24.31 -72.99 -50.87
N GLU A 290 23.61 -72.87 -52.00
CA GLU A 290 23.51 -73.94 -52.98
C GLU A 290 24.42 -73.74 -54.18
N GLY A 291 24.94 -72.55 -54.39
CA GLY A 291 25.85 -72.26 -55.48
C GLY A 291 25.28 -71.39 -56.58
N LYS A 292 23.99 -71.05 -56.52
CA LYS A 292 23.36 -70.24 -57.54
C LYS A 292 23.65 -68.77 -57.25
N VAL A 293 24.50 -68.16 -58.07
CA VAL A 293 24.92 -66.78 -57.86
C VAL A 293 24.04 -65.79 -58.61
N LYS A 294 23.70 -66.11 -59.86
CA LYS A 294 22.89 -65.18 -60.66
C LYS A 294 21.51 -64.98 -60.05
N GLU A 295 20.87 -66.06 -59.60
CA GLU A 295 19.56 -65.93 -58.98
C GLU A 295 19.65 -65.12 -57.69
N ALA A 296 20.75 -65.27 -56.94
CA ALA A 296 20.94 -64.49 -55.74
C ALA A 296 21.15 -63.01 -56.07
N GLN A 297 21.78 -62.71 -57.20
CA GLN A 297 21.97 -61.32 -57.59
C GLN A 297 20.65 -60.69 -58.05
N ALA A 298 19.83 -61.45 -58.79
CA ALA A 298 18.50 -60.96 -59.12
C ALA A 298 17.67 -60.74 -57.87
N ALA A 299 17.78 -61.65 -56.90
CA ALA A 299 17.13 -61.44 -55.61
C ALA A 299 17.69 -60.22 -54.90
N ALA A 300 18.95 -59.87 -55.15
CA ALA A 300 19.49 -58.64 -54.59
C ALA A 300 18.89 -57.42 -55.27
N GLU A 301 18.60 -57.52 -56.57
CA GLU A 301 17.88 -56.45 -57.25
C GLU A 301 16.48 -56.30 -56.67
N GLN A 302 15.81 -57.42 -56.36
CA GLN A 302 14.53 -57.34 -55.68
C GLN A 302 14.67 -56.73 -54.29
N LEU A 303 15.80 -56.98 -53.62
CA LEU A 303 16.08 -56.30 -52.35
C LEU A 303 16.17 -54.80 -52.55
N LYS A 304 16.84 -54.36 -53.62
CA LYS A 304 16.86 -52.94 -53.95
C LYS A 304 15.46 -52.41 -54.18
N THR A 305 14.59 -53.22 -54.81
CA THR A 305 13.21 -52.80 -55.02
C THR A 305 12.48 -52.64 -53.69
N THR A 306 12.74 -53.53 -52.73
CA THR A 306 12.04 -53.45 -51.45
C THR A 306 12.53 -52.29 -50.61
N ARG A 307 13.86 -52.17 -50.43
CA ARG A 307 14.39 -51.09 -49.60
C ARG A 307 14.11 -49.73 -50.24
N ASN A 308 14.29 -49.62 -51.56
CA ASN A 308 13.99 -48.36 -52.23
C ASN A 308 12.51 -48.06 -52.22
N ALA A 309 11.66 -49.10 -52.22
CA ALA A 309 10.23 -48.93 -52.06
C ALA A 309 9.82 -48.79 -50.60
N TYR A 310 10.78 -48.76 -49.66
CA TYR A 310 10.46 -48.66 -48.25
C TYR A 310 11.33 -47.63 -47.54
N ILE A 311 11.76 -46.58 -48.24
CA ILE A 311 12.47 -45.47 -47.60
C ILE A 311 11.51 -44.44 -47.02
N GLN A 312 10.21 -44.56 -47.30
CA GLN A 312 9.26 -43.53 -46.90
C GLN A 312 9.13 -43.45 -45.38
N LYS A 313 9.00 -44.60 -44.71
CA LYS A 313 8.84 -44.62 -43.26
C LYS A 313 10.16 -44.37 -42.52
N TYR A 314 11.28 -44.63 -43.18
CA TYR A 314 12.57 -44.28 -42.60
C TYR A 314 12.66 -42.79 -42.28
N LEU A 315 11.96 -41.95 -43.04
CA LEU A 315 11.87 -40.54 -42.70
C LEU A 315 10.85 -40.29 -41.59
N LYS A 316 9.82 -41.14 -41.50
CA LYS A 316 8.87 -41.04 -40.40
C LYS A 316 9.57 -41.20 -39.06
N ASN A 317 10.50 -42.16 -38.98
CA ASN A 317 11.28 -42.34 -37.76
C ASN A 317 12.09 -41.09 -37.42
N ARG A 318 12.67 -40.45 -38.42
CA ARG A 318 13.48 -39.26 -38.18
C ARG A 318 12.62 -38.09 -37.72
N ILE A 319 11.47 -37.89 -38.37
CA ILE A 319 10.58 -36.80 -38.00
C ILE A 319 10.09 -36.98 -36.57
N THR A 320 9.63 -38.19 -36.23
CA THR A 320 9.17 -38.41 -34.85
C THR A 320 10.33 -38.30 -33.87
N ARG A 321 11.55 -38.61 -34.30
CA ARG A 321 12.71 -38.38 -33.44
C ARG A 321 12.86 -36.90 -33.10
N ASP A 322 12.87 -36.04 -34.12
CA ASP A 322 13.01 -34.61 -33.87
C ASP A 322 11.86 -34.09 -33.01
N GLN A 323 10.63 -34.47 -33.34
CA GLN A 323 9.47 -33.97 -32.60
C GLN A 323 9.51 -34.40 -31.14
N VAL A 324 9.79 -35.68 -30.88
CA VAL A 324 9.82 -36.16 -29.50
C VAL A 324 10.96 -35.51 -28.72
N LEU A 325 12.12 -35.34 -29.36
CA LEU A 325 13.23 -34.66 -28.71
C LEU A 325 12.84 -33.25 -28.29
N LYS A 326 12.24 -32.49 -29.20
CA LYS A 326 11.82 -31.13 -28.88
C LYS A 326 10.72 -31.13 -27.82
N MET A 327 9.93 -32.19 -27.74
CA MET A 327 8.90 -32.28 -26.71
C MET A 327 9.51 -32.46 -25.33
N ALA A 328 10.45 -33.40 -25.21
CA ALA A 328 11.11 -33.63 -23.91
C ALA A 328 11.88 -32.38 -23.47
N ALA A 329 12.69 -31.83 -24.38
CA ALA A 329 13.44 -30.62 -24.05
C ALA A 329 12.50 -29.47 -23.69
N ALA A 330 11.35 -29.39 -24.38
CA ALA A 330 10.38 -28.33 -24.08
C ALA A 330 9.79 -28.50 -22.69
N VAL A 331 9.51 -29.75 -22.29
CA VAL A 331 8.97 -30.00 -20.96
C VAL A 331 9.98 -29.62 -19.90
N VAL A 332 11.23 -30.08 -20.05
CA VAL A 332 12.25 -29.81 -19.04
C VAL A 332 12.51 -28.31 -18.93
N LEU A 333 12.71 -27.63 -20.07
CA LEU A 333 12.96 -26.20 -20.04
C LEU A 333 11.78 -25.43 -19.48
N ALA A 334 10.55 -25.90 -19.77
CA ALA A 334 9.37 -25.24 -19.22
C ALA A 334 9.34 -25.33 -17.70
N PHE A 335 9.54 -26.54 -17.16
CA PHE A 335 9.50 -26.73 -15.72
C PHE A 335 10.61 -25.93 -15.03
N ILE A 336 11.84 -26.05 -15.53
CA ILE A 336 12.97 -25.37 -14.89
C ILE A 336 12.79 -23.86 -14.95
N ILE A 337 12.49 -23.34 -16.14
CA ILE A 337 12.37 -21.89 -16.31
C ILE A 337 11.24 -21.34 -15.45
N CYS A 338 10.11 -22.05 -15.39
CA CYS A 338 8.95 -21.54 -14.68
C CYS A 338 9.13 -21.64 -13.17
N TRP A 339 9.34 -22.85 -12.65
CA TRP A 339 9.38 -23.07 -11.21
C TRP A 339 10.74 -22.85 -10.59
N LEU A 340 11.74 -22.42 -11.37
CA LEU A 340 13.07 -22.20 -10.79
C LEU A 340 13.12 -20.95 -9.91
N PRO A 341 12.67 -19.77 -10.37
CA PRO A 341 12.82 -18.57 -9.52
C PRO A 341 12.06 -18.66 -8.21
N PHE A 342 10.89 -19.30 -8.19
CA PHE A 342 10.14 -19.41 -6.95
C PHE A 342 10.91 -20.19 -5.89
N HIS A 343 11.55 -21.28 -6.28
CA HIS A 343 12.30 -22.08 -5.32
C HIS A 343 13.67 -21.52 -5.03
N VAL A 344 14.23 -20.70 -5.92
CA VAL A 344 15.44 -19.96 -5.59
C VAL A 344 15.15 -18.92 -4.52
N LEU A 345 14.15 -18.06 -4.78
CA LEU A 345 13.77 -17.05 -3.80
C LEU A 345 13.28 -17.68 -2.49
N THR A 346 12.61 -18.84 -2.58
CA THR A 346 12.22 -19.54 -1.36
C THR A 346 13.43 -20.10 -0.63
N PHE A 347 14.46 -20.54 -1.38
CA PHE A 347 15.66 -21.06 -0.75
C PHE A 347 16.41 -19.97 0.00
N LEU A 348 16.84 -18.92 -0.71
CA LEU A 348 17.60 -17.86 -0.03
C LEU A 348 16.73 -17.11 0.97
N ASP A 349 15.41 -17.10 0.77
CA ASP A 349 14.52 -16.57 1.80
C ASP A 349 14.59 -17.43 3.06
N ALA A 350 14.56 -18.75 2.89
CA ALA A 350 14.74 -19.65 4.04
C ALA A 350 16.10 -19.44 4.69
N LEU A 351 17.12 -19.08 3.91
CA LEU A 351 18.40 -18.71 4.50
C LEU A 351 18.28 -17.41 5.28
N ALA A 352 17.43 -16.48 4.84
CA ALA A 352 17.22 -15.26 5.59
C ALA A 352 16.45 -15.51 6.88
N TRP A 353 15.61 -16.54 6.92
CA TRP A 353 14.86 -16.85 8.14
C TRP A 353 15.79 -17.38 9.23
N MET A 354 16.76 -18.20 8.87
CA MET A 354 17.67 -18.82 9.84
C MET A 354 18.85 -17.92 10.20
N GLY A 355 18.82 -16.65 9.80
CA GLY A 355 19.84 -15.69 10.19
C GLY A 355 21.04 -15.61 9.27
N VAL A 356 21.12 -16.46 8.25
CA VAL A 356 22.27 -16.42 7.34
C VAL A 356 22.28 -15.12 6.55
N ILE A 357 21.14 -14.76 5.97
CA ILE A 357 21.00 -13.53 5.20
C ILE A 357 20.31 -12.50 6.08
N ASN A 358 21.08 -11.51 6.53
CA ASN A 358 20.55 -10.44 7.36
C ASN A 358 20.55 -9.08 6.68
N SER A 359 20.93 -9.01 5.41
CA SER A 359 20.89 -7.74 4.70
C SER A 359 19.46 -7.30 4.48
N CYS A 360 19.15 -6.07 4.87
CA CYS A 360 17.77 -5.60 4.86
C CYS A 360 17.23 -5.45 3.43
N GLU A 361 17.98 -4.75 2.58
CA GLU A 361 17.51 -4.52 1.21
C GLU A 361 17.42 -5.82 0.42
N VAL A 362 18.24 -6.81 0.76
CA VAL A 362 18.16 -8.10 0.08
C VAL A 362 16.85 -8.81 0.41
N ILE A 363 16.52 -8.89 1.71
CA ILE A 363 15.26 -9.48 2.12
C ILE A 363 14.09 -8.69 1.52
N ALA A 364 14.23 -7.37 1.42
CA ALA A 364 13.22 -6.56 0.76
C ALA A 364 13.05 -6.98 -0.69
N VAL A 365 14.16 -7.20 -1.41
CA VAL A 365 14.08 -7.65 -2.79
C VAL A 365 13.39 -9.01 -2.87
N ILE A 366 13.67 -9.90 -1.91
CA ILE A 366 12.98 -11.19 -1.86
C ILE A 366 11.47 -10.98 -1.76
N ASP A 367 11.05 -10.15 -0.80
CA ASP A 367 9.63 -9.89 -0.61
C ASP A 367 9.00 -9.18 -1.80
N LEU A 368 9.82 -8.51 -2.63
CA LEU A 368 9.28 -7.86 -3.82
C LEU A 368 9.13 -8.83 -4.97
N ALA A 369 10.06 -9.78 -5.09
CA ALA A 369 10.12 -10.67 -6.25
C ALA A 369 9.39 -12.00 -6.04
N LEU A 370 9.00 -12.34 -4.81
CA LEU A 370 8.29 -13.59 -4.59
C LEU A 370 6.95 -13.67 -5.30
N PRO A 371 6.06 -12.67 -5.23
CA PRO A 371 4.76 -12.82 -5.91
C PRO A 371 4.87 -13.04 -7.41
N PHE A 372 5.81 -12.35 -8.07
CA PHE A 372 6.00 -12.56 -9.50
C PHE A 372 6.43 -13.99 -9.80
N ALA A 373 7.23 -14.59 -8.91
CA ALA A 373 7.62 -15.98 -9.09
C ALA A 373 6.45 -16.91 -8.87
N ILE A 374 5.58 -16.59 -7.91
CA ILE A 374 4.36 -17.38 -7.71
C ILE A 374 3.51 -17.34 -8.98
N LEU A 375 3.34 -16.15 -9.56
CA LEU A 375 2.65 -16.05 -10.84
C LEU A 375 3.41 -16.73 -11.98
N LEU A 376 4.71 -16.96 -11.81
CA LEU A 376 5.46 -17.70 -12.82
C LEU A 376 5.16 -19.19 -12.74
N GLY A 377 5.07 -19.73 -11.52
CA GLY A 377 4.62 -21.11 -11.38
C GLY A 377 3.18 -21.29 -11.86
N PHE A 378 2.31 -20.34 -11.51
CA PHE A 378 0.96 -20.37 -12.05
C PHE A 378 0.96 -20.26 -13.56
N THR A 379 1.95 -19.56 -14.13
CA THR A 379 2.10 -19.52 -15.58
C THR A 379 2.50 -20.89 -16.11
N ASN A 380 3.31 -21.63 -15.37
CA ASN A 380 3.58 -23.03 -15.73
C ASN A 380 2.29 -23.83 -15.75
N SER A 381 1.45 -23.66 -14.73
CA SER A 381 0.15 -24.33 -14.73
C SER A 381 -0.74 -23.84 -15.87
N CYS A 382 -0.46 -22.66 -16.42
CA CYS A 382 -1.27 -22.14 -17.52
C CYS A 382 -0.84 -22.75 -18.85
N VAL A 383 0.44 -22.60 -19.21
CA VAL A 383 0.94 -23.08 -20.50
C VAL A 383 1.15 -24.58 -20.51
N ASN A 384 1.11 -25.24 -19.35
CA ASN A 384 1.40 -26.68 -19.30
C ASN A 384 0.42 -27.51 -20.12
N PRO A 385 -0.90 -27.30 -20.06
CA PRO A 385 -1.78 -28.06 -20.98
C PRO A 385 -1.54 -27.75 -22.45
N PHE A 386 -1.13 -26.53 -22.77
CA PHE A 386 -0.81 -26.20 -24.15
C PHE A 386 0.39 -27.01 -24.66
N LEU A 387 1.36 -27.26 -23.77
CA LEU A 387 2.53 -28.03 -24.16
C LEU A 387 2.23 -29.53 -24.18
N TYR A 388 1.45 -30.03 -23.21
CA TYR A 388 1.22 -31.46 -23.10
C TYR A 388 0.13 -31.94 -24.05
N CYS A 389 -1.02 -31.26 -24.05
CA CYS A 389 -2.11 -31.71 -24.91
C CYS A 389 -1.88 -31.36 -26.37
N PHE A 390 -1.38 -30.15 -26.65
CA PHE A 390 -1.09 -29.74 -28.02
C PHE A 390 0.40 -29.48 -28.21
N ASP B 1 -0.37 13.73 -6.81
CA ASP B 1 -1.35 14.65 -6.24
C ASP B 1 -2.47 13.89 -5.53
N VAL B 2 -2.41 13.86 -4.21
CA VAL B 2 -3.42 13.20 -3.38
C VAL B 2 -4.35 14.27 -2.82
N GLN B 3 -5.65 14.08 -3.01
CA GLN B 3 -6.66 15.04 -2.58
C GLN B 3 -7.66 14.34 -1.68
N LEU B 4 -7.77 14.82 -0.43
CA LEU B 4 -8.75 14.35 0.53
C LEU B 4 -9.59 15.54 0.95
N VAL B 5 -10.91 15.45 0.76
CA VAL B 5 -11.82 16.55 1.02
C VAL B 5 -12.87 16.09 2.01
N GLU B 6 -12.90 16.71 3.19
CA GLU B 6 -13.93 16.42 4.17
C GLU B 6 -15.20 17.20 3.87
N SER B 7 -16.30 16.76 4.47
CA SER B 7 -17.59 17.40 4.32
C SER B 7 -18.53 16.87 5.40
N GLY B 8 -19.59 17.62 5.66
CA GLY B 8 -20.60 17.22 6.61
C GLY B 8 -20.53 17.85 7.98
N GLY B 9 -19.69 18.87 8.17
CA GLY B 9 -19.63 19.54 9.45
C GLY B 9 -20.74 20.55 9.64
N GLY B 10 -20.81 21.10 10.85
CA GLY B 10 -21.82 22.09 11.14
C GLY B 10 -22.12 22.12 12.64
N LEU B 11 -23.29 22.64 12.97
CA LEU B 11 -23.74 22.78 14.34
C LEU B 11 -24.75 21.68 14.66
N VAL B 12 -24.46 20.90 15.71
CA VAL B 12 -25.30 19.79 16.13
C VAL B 12 -25.68 20.01 17.59
N GLN B 13 -26.95 19.79 17.91
CA GLN B 13 -27.39 19.84 19.29
C GLN B 13 -26.94 18.58 20.02
N PRO B 14 -26.67 18.66 21.32
CA PRO B 14 -26.18 17.50 22.07
C PRO B 14 -27.12 16.31 21.96
N GLY B 15 -26.54 15.11 21.92
CA GLY B 15 -27.29 13.89 21.73
C GLY B 15 -27.60 13.54 20.30
N GLY B 16 -27.46 14.48 19.38
CA GLY B 16 -27.78 14.24 17.99
C GLY B 16 -26.73 13.38 17.30
N SER B 17 -26.80 13.38 15.97
CA SER B 17 -25.91 12.58 15.14
C SER B 17 -25.44 13.41 13.96
N ARG B 18 -24.46 12.87 13.24
CA ARG B 18 -23.89 13.52 12.08
C ARG B 18 -23.22 12.45 11.22
N LYS B 19 -22.91 12.81 9.98
CA LYS B 19 -22.28 11.88 9.04
C LYS B 19 -21.19 12.65 8.29
N LEU B 20 -19.94 12.42 8.66
CA LEU B 20 -18.81 13.08 8.02
C LEU B 20 -18.31 12.26 6.85
N SER B 21 -18.04 12.93 5.73
CA SER B 21 -17.62 12.31 4.50
C SER B 21 -16.22 12.76 4.13
N CYS B 22 -15.47 11.85 3.48
CA CYS B 22 -14.10 12.10 3.08
C CYS B 22 -13.94 11.59 1.65
N ALA B 23 -13.99 12.49 0.69
CA ALA B 23 -13.79 12.15 -0.71
C ALA B 23 -12.30 12.08 -1.01
N ALA B 24 -11.87 10.97 -1.61
CA ALA B 24 -10.47 10.72 -1.92
C ALA B 24 -10.27 10.64 -3.43
N SER B 25 -9.21 11.27 -3.90
CA SER B 25 -8.87 11.24 -5.32
C SER B 25 -7.36 11.34 -5.49
N GLY B 26 -6.86 10.80 -6.59
CA GLY B 26 -5.46 10.82 -6.90
C GLY B 26 -4.71 9.53 -6.63
N PHE B 27 -5.38 8.51 -6.10
CA PHE B 27 -4.74 7.23 -5.82
C PHE B 27 -5.80 6.15 -5.79
N THR B 28 -5.35 4.90 -5.68
CA THR B 28 -6.24 3.75 -5.55
C THR B 28 -6.73 3.68 -4.11
N PHE B 29 -7.99 4.03 -3.89
CA PHE B 29 -8.50 4.15 -2.52
C PHE B 29 -8.71 2.79 -1.87
N SER B 30 -9.00 1.76 -2.66
CA SER B 30 -9.35 0.45 -2.11
C SER B 30 -8.13 -0.38 -1.74
N GLY B 31 -7.01 0.27 -1.42
CA GLY B 31 -5.80 -0.46 -1.10
C GLY B 31 -5.17 -0.10 0.22
N PHE B 32 -5.43 1.11 0.72
CA PHE B 32 -4.80 1.60 1.93
C PHE B 32 -5.85 1.90 2.99
N GLY B 33 -5.52 1.65 4.25
CA GLY B 33 -6.41 1.99 5.34
C GLY B 33 -6.54 3.49 5.52
N MET B 34 -7.59 3.89 6.23
CA MET B 34 -7.91 5.29 6.44
C MET B 34 -8.10 5.56 7.92
N HIS B 35 -7.77 6.78 8.33
CA HIS B 35 -7.85 7.22 9.71
C HIS B 35 -8.72 8.46 9.84
N TRP B 36 -9.40 8.58 10.97
CA TRP B 36 -10.07 9.81 11.38
C TRP B 36 -9.32 10.36 12.58
N VAL B 37 -8.88 11.62 12.47
CA VAL B 37 -8.11 12.31 13.50
C VAL B 37 -8.69 13.71 13.66
N ARG B 38 -9.15 14.04 14.86
CA ARG B 38 -9.77 15.33 15.14
C ARG B 38 -8.81 16.22 15.93
N GLN B 39 -9.24 17.47 16.12
CA GLN B 39 -8.43 18.45 16.85
C GLN B 39 -9.39 19.45 17.50
N ALA B 40 -9.46 19.43 18.83
CA ALA B 40 -10.33 20.34 19.55
C ALA B 40 -9.87 21.78 19.38
N PRO B 41 -10.78 22.75 19.50
CA PRO B 41 -10.39 24.16 19.38
C PRO B 41 -9.36 24.54 20.44
N GLU B 42 -8.29 25.20 19.99
CA GLU B 42 -7.19 25.65 20.84
C GLU B 42 -6.49 24.49 21.55
N LYS B 43 -6.59 23.28 21.00
CA LYS B 43 -5.96 22.10 21.57
C LYS B 43 -5.27 21.31 20.46
N GLY B 44 -4.69 20.17 20.83
CA GLY B 44 -3.89 19.38 19.92
C GLY B 44 -4.68 18.32 19.19
N LEU B 45 -3.95 17.47 18.47
CA LEU B 45 -4.56 16.43 17.65
C LEU B 45 -4.99 15.24 18.50
N GLU B 46 -5.99 14.52 18.01
CA GLU B 46 -6.53 13.35 18.70
C GLU B 46 -6.95 12.32 17.66
N TRP B 47 -6.34 11.14 17.70
CA TRP B 47 -6.71 10.07 16.79
C TRP B 47 -8.08 9.52 17.17
N VAL B 48 -8.98 9.43 16.19
CA VAL B 48 -10.34 8.98 16.45
C VAL B 48 -10.51 7.52 16.04
N ALA B 49 -10.33 7.22 14.76
CA ALA B 49 -10.66 5.89 14.28
C ALA B 49 -9.71 5.46 13.17
N TYR B 50 -9.77 4.17 12.83
CA TYR B 50 -9.05 3.62 11.70
C TYR B 50 -9.86 2.46 11.12
N ILE B 51 -9.91 2.39 9.80
CA ILE B 51 -10.55 1.28 9.09
C ILE B 51 -9.58 0.77 8.03
N SER B 52 -9.60 -0.54 7.81
CA SER B 52 -8.71 -1.18 6.85
C SER B 52 -9.20 -0.93 5.43
N SER B 53 -8.44 -1.46 4.47
CA SER B 53 -8.82 -1.29 3.07
C SER B 53 -10.00 -2.18 2.69
N GLY B 54 -10.15 -3.32 3.36
CA GLY B 54 -11.25 -4.22 3.09
C GLY B 54 -12.24 -4.28 4.23
N SER B 55 -12.18 -3.29 5.12
CA SER B 55 -13.07 -3.15 6.26
C SER B 55 -13.00 -4.34 7.22
N SER B 56 -11.90 -5.09 7.18
CA SER B 56 -11.75 -6.27 8.03
C SER B 56 -11.13 -5.96 9.38
N LEU B 57 -10.57 -4.76 9.56
CA LEU B 57 -9.94 -4.37 10.81
C LEU B 57 -10.32 -2.94 11.12
N ILE B 58 -10.98 -2.73 12.25
CA ILE B 58 -11.45 -1.40 12.67
C ILE B 58 -10.98 -1.15 14.09
N TYR B 59 -10.49 0.07 14.33
CA TYR B 59 -10.06 0.48 15.66
C TYR B 59 -10.70 1.82 16.00
N TYR B 60 -11.25 1.93 17.21
CA TYR B 60 -11.85 3.16 17.71
C TYR B 60 -11.06 3.67 18.90
N ALA B 61 -11.03 4.99 19.05
CA ALA B 61 -10.50 5.58 20.27
C ALA B 61 -11.50 5.41 21.41
N ASP B 62 -10.98 5.29 22.63
CA ASP B 62 -11.83 5.03 23.78
C ASP B 62 -12.86 6.13 23.98
N THR B 63 -12.56 7.36 23.54
CA THR B 63 -13.49 8.47 23.73
C THR B 63 -14.72 8.30 22.87
N VAL B 64 -14.56 7.82 21.63
CA VAL B 64 -15.67 7.71 20.69
C VAL B 64 -16.15 6.28 20.53
N LYS B 65 -15.48 5.31 21.15
CA LYS B 65 -15.88 3.92 20.99
C LYS B 65 -17.25 3.69 21.62
N GLY B 66 -18.08 2.92 20.91
CA GLY B 66 -19.45 2.70 21.31
C GLY B 66 -20.43 3.73 20.79
N ARG B 67 -19.95 4.80 20.18
CA ARG B 67 -20.81 5.85 19.61
C ARG B 67 -20.54 6.08 18.14
N PHE B 68 -19.29 6.30 17.76
CA PHE B 68 -18.95 6.57 16.36
C PHE B 68 -18.82 5.27 15.58
N THR B 69 -19.12 5.35 14.29
CA THR B 69 -19.09 4.18 13.41
C THR B 69 -18.41 4.59 12.10
N ILE B 70 -17.20 4.10 11.89
CA ILE B 70 -16.44 4.40 10.68
C ILE B 70 -16.75 3.36 9.62
N SER B 71 -17.10 3.82 8.43
CA SER B 71 -17.45 2.95 7.32
C SER B 71 -16.71 3.40 6.06
N ARG B 72 -16.77 2.57 5.03
CA ARG B 72 -15.95 2.77 3.83
C ARG B 72 -16.74 2.38 2.59
N ASP B 73 -16.51 3.12 1.50
CA ASP B 73 -17.14 2.86 0.20
C ASP B 73 -16.03 2.95 -0.85
N ASN B 74 -15.46 1.80 -1.20
CA ASN B 74 -14.37 1.72 -2.16
C ASN B 74 -14.84 1.98 -3.59
N PRO B 75 -15.97 1.43 -4.05
CA PRO B 75 -16.44 1.76 -5.41
C PRO B 75 -16.67 3.25 -5.64
N LYS B 76 -16.86 4.04 -4.58
CA LYS B 76 -17.04 5.48 -4.71
C LYS B 76 -15.90 6.27 -4.11
N ASN B 77 -14.86 5.60 -3.59
CA ASN B 77 -13.67 6.26 -3.05
C ASN B 77 -14.04 7.27 -1.96
N THR B 78 -14.86 6.82 -1.00
CA THR B 78 -15.37 7.71 0.03
C THR B 78 -15.24 7.05 1.40
N LEU B 79 -14.82 7.83 2.38
CA LEU B 79 -14.77 7.41 3.77
C LEU B 79 -15.92 8.05 4.54
N PHE B 80 -16.49 7.31 5.47
CA PHE B 80 -17.64 7.79 6.25
C PHE B 80 -17.37 7.64 7.74
N LEU B 81 -17.92 8.59 8.51
CA LEU B 81 -17.83 8.55 9.96
C LEU B 81 -19.18 9.01 10.53
N GLN B 82 -19.94 8.06 11.07
CA GLN B 82 -21.25 8.36 11.65
C GLN B 82 -21.08 8.62 13.14
N MET B 83 -21.37 9.86 13.56
CA MET B 83 -21.20 10.29 14.93
C MET B 83 -22.56 10.30 15.63
N THR B 84 -22.75 9.41 16.59
CA THR B 84 -23.98 9.33 17.36
C THR B 84 -23.73 9.74 18.80
N SER B 85 -24.77 10.28 19.43
CA SER B 85 -24.71 10.76 20.82
C SER B 85 -23.60 11.79 20.99
N LEU B 86 -23.65 12.84 20.17
CA LEU B 86 -22.64 13.88 20.21
C LEU B 86 -22.71 14.67 21.51
N ARG B 87 -21.55 15.08 22.00
CA ARG B 87 -21.44 15.86 23.22
C ARG B 87 -20.49 17.03 22.98
N SER B 88 -20.47 17.97 23.93
CA SER B 88 -19.64 19.15 23.80
C SER B 88 -18.17 18.79 23.68
N GLU B 89 -17.75 17.66 24.26
CA GLU B 89 -16.36 17.24 24.16
C GLU B 89 -15.99 16.81 22.75
N ASP B 90 -16.98 16.53 21.90
CA ASP B 90 -16.72 16.12 20.52
C ASP B 90 -16.60 17.29 19.56
N THR B 91 -16.82 18.52 20.03
CA THR B 91 -16.63 19.69 19.18
C THR B 91 -15.16 19.82 18.80
N ALA B 92 -14.88 19.74 17.51
CA ALA B 92 -13.50 19.74 17.04
C ALA B 92 -13.48 19.89 15.53
N MET B 93 -12.27 19.91 14.97
CA MET B 93 -12.05 19.88 13.53
C MET B 93 -11.63 18.46 13.15
N TYR B 94 -12.40 17.83 12.27
CA TYR B 94 -12.21 16.44 11.92
C TYR B 94 -11.47 16.32 10.59
N PHE B 95 -10.34 15.62 10.62
CA PHE B 95 -9.54 15.31 9.43
C PHE B 95 -9.61 13.81 9.14
N CYS B 96 -9.54 13.47 7.86
CA CYS B 96 -9.30 12.10 7.43
C CYS B 96 -7.88 12.02 6.89
N ALA B 97 -7.07 11.17 7.50
CA ALA B 97 -5.65 11.07 7.17
C ALA B 97 -5.25 9.62 7.00
N THR B 98 -4.38 9.37 6.03
CA THR B 98 -3.86 8.03 5.75
C THR B 98 -2.34 8.10 5.61
N SER B 99 -1.73 6.94 5.42
CA SER B 99 -0.29 6.85 5.20
C SER B 99 0.06 6.48 3.78
N LEU B 100 -0.92 6.09 2.94
CA LEU B 100 -0.66 5.61 1.58
C LEU B 100 0.33 4.47 1.59
N TYR B 101 0.18 3.56 2.56
CA TYR B 101 1.14 2.48 2.76
C TYR B 101 0.51 1.38 3.60
N TYR B 102 -0.24 0.48 2.95
CA TYR B 102 -0.85 -0.69 3.58
C TYR B 102 -1.93 -0.34 4.61
N GLY B 103 -1.70 0.70 5.40
CA GLY B 103 -2.59 1.04 6.50
C GLY B 103 -1.83 1.22 7.78
N THR B 104 -0.56 1.63 7.64
CA THR B 104 0.30 1.83 8.80
C THR B 104 -0.23 2.96 9.68
N PRO B 105 0.13 2.97 10.97
CA PRO B 105 -0.44 3.97 11.90
C PRO B 105 0.36 5.27 11.92
N TRP B 106 0.50 5.90 10.75
CA TRP B 106 0.98 7.27 10.67
C TRP B 106 0.18 7.99 9.58
N PHE B 107 0.31 9.31 9.54
CA PHE B 107 -0.55 10.15 8.73
C PHE B 107 0.32 11.02 7.82
N ALA B 108 0.49 10.58 6.57
CA ALA B 108 1.30 11.30 5.59
C ALA B 108 0.46 12.15 4.64
N TYR B 109 -0.86 12.00 4.66
CA TYR B 109 -1.74 12.76 3.79
C TYR B 109 -2.97 13.16 4.58
N TRP B 110 -3.12 14.46 4.84
CA TRP B 110 -4.24 15.00 5.59
C TRP B 110 -5.20 15.71 4.67
N GLY B 111 -6.44 15.84 5.12
CA GLY B 111 -7.47 16.56 4.38
C GLY B 111 -7.62 17.99 4.87
N GLN B 112 -8.59 18.68 4.27
CA GLN B 112 -8.85 20.06 4.64
C GLN B 112 -9.47 20.16 6.04
N GLY B 113 -10.17 19.11 6.47
CA GLY B 113 -10.81 19.12 7.77
C GLY B 113 -12.15 19.83 7.76
N THR B 114 -13.13 19.28 8.47
CA THR B 114 -14.45 19.88 8.58
C THR B 114 -14.78 20.13 10.04
N LEU B 115 -15.38 21.28 10.32
CA LEU B 115 -15.63 21.73 11.68
C LEU B 115 -16.96 21.19 12.20
N VAL B 116 -16.94 20.58 13.38
CA VAL B 116 -18.14 20.07 14.03
C VAL B 116 -18.25 20.75 15.39
N THR B 117 -19.31 21.54 15.56
CA THR B 117 -19.58 22.24 16.81
C THR B 117 -20.82 21.61 17.44
N VAL B 118 -20.67 21.12 18.68
CA VAL B 118 -21.77 20.49 19.41
C VAL B 118 -22.20 21.45 20.51
N SER B 119 -23.39 22.02 20.36
CA SER B 119 -23.90 22.98 21.34
C SER B 119 -25.40 23.13 21.16
N ALA B 120 -26.07 23.49 22.25
CA ALA B 120 -27.50 23.78 22.23
C ALA B 120 -27.79 25.23 21.89
N ALA B 121 -26.76 26.04 21.61
CA ALA B 121 -26.96 27.42 21.25
C ALA B 121 -27.51 27.55 19.83
N LYS B 122 -28.07 28.72 19.54
CA LYS B 122 -28.66 29.00 18.24
C LYS B 122 -27.66 29.71 17.34
N THR B 123 -27.76 29.44 16.04
CA THR B 123 -26.92 30.11 15.06
C THR B 123 -27.27 31.59 15.02
N THR B 124 -26.29 32.44 15.34
CA THR B 124 -26.50 33.88 15.43
C THR B 124 -25.55 34.60 14.49
N PRO B 125 -26.06 35.48 13.62
CA PRO B 125 -25.18 36.27 12.77
C PRO B 125 -24.41 37.30 13.58
N PRO B 126 -23.24 37.72 13.10
CA PRO B 126 -22.42 38.63 13.90
C PRO B 126 -22.91 40.08 13.84
N SER B 127 -22.63 40.80 14.92
CA SER B 127 -22.91 42.24 14.99
C SER B 127 -21.58 42.97 14.85
N VAL B 128 -21.41 43.68 13.73
CA VAL B 128 -20.15 44.32 13.38
C VAL B 128 -20.23 45.79 13.74
N TYR B 129 -19.32 46.25 14.58
CA TYR B 129 -19.27 47.65 15.00
C TYR B 129 -17.95 48.26 14.54
N PRO B 130 -17.98 49.36 13.79
CA PRO B 130 -16.74 49.95 13.29
C PRO B 130 -15.98 50.67 14.40
N LEU B 131 -14.66 50.48 14.41
CA LEU B 131 -13.77 51.04 15.42
C LEU B 131 -12.91 52.12 14.76
N ALA B 132 -13.31 53.38 14.94
CA ALA B 132 -12.60 54.57 14.49
C ALA B 132 -12.23 55.43 15.69
N PRO B 133 -11.16 56.22 15.59
CA PRO B 133 -10.73 57.02 16.75
C PRO B 133 -11.79 58.02 17.18
N GLY B 134 -11.71 58.41 18.45
CA GLY B 134 -12.66 59.35 19.02
C GLY B 134 -12.67 60.70 18.33
N CYS B 135 -11.57 61.43 18.45
CA CYS B 135 -11.40 62.74 17.82
C CYS B 135 -10.41 62.61 16.65
N GLY B 136 -9.80 63.71 16.24
CA GLY B 136 -8.95 63.71 15.07
C GLY B 136 -7.62 62.99 15.19
N ASP B 137 -6.97 63.11 16.35
CA ASP B 137 -5.60 62.64 16.55
C ASP B 137 -4.69 63.26 15.49
N THR B 138 -4.69 64.59 15.46
CA THR B 138 -4.10 65.36 14.38
C THR B 138 -2.60 65.59 14.56
N THR B 139 -1.85 64.51 14.77
CA THR B 139 -0.40 64.57 14.80
C THR B 139 0.22 64.02 13.52
N GLY B 140 -0.58 63.77 12.49
CA GLY B 140 -0.10 63.25 11.23
C GLY B 140 0.40 61.82 11.26
N SER B 141 0.35 61.17 12.42
CA SER B 141 0.82 59.79 12.53
C SER B 141 -0.09 58.84 11.76
N SER B 142 0.42 57.64 11.49
CA SER B 142 -0.34 56.65 10.77
C SER B 142 -1.61 56.28 11.54
N VAL B 143 -2.65 55.94 10.80
CA VAL B 143 -3.99 55.71 11.37
C VAL B 143 -4.21 54.21 11.56
N THR B 144 -4.65 53.85 12.76
CA THR B 144 -5.02 52.48 13.08
C THR B 144 -6.53 52.42 13.27
N LEU B 145 -7.18 51.47 12.58
CA LEU B 145 -8.62 51.30 12.63
C LEU B 145 -8.94 49.85 12.96
N GLY B 146 -10.21 49.58 13.24
CA GLY B 146 -10.60 48.23 13.56
C GLY B 146 -12.07 47.98 13.28
N CYS B 147 -12.46 46.72 13.50
CA CYS B 147 -13.85 46.30 13.42
C CYS B 147 -14.07 45.25 14.50
N LEU B 148 -15.11 45.44 15.31
CA LEU B 148 -15.43 44.55 16.42
C LEU B 148 -16.61 43.69 16.03
N VAL B 149 -16.38 42.38 15.95
CA VAL B 149 -17.41 41.41 15.61
C VAL B 149 -17.88 40.75 16.91
N LYS B 150 -19.09 41.10 17.33
CA LYS B 150 -19.61 40.68 18.64
C LYS B 150 -20.87 39.84 18.47
N GLY B 151 -20.98 38.80 19.28
CA GLY B 151 -22.21 38.05 19.42
C GLY B 151 -22.61 37.22 18.23
N TYR B 152 -21.80 36.22 17.89
CA TYR B 152 -22.12 35.30 16.81
C TYR B 152 -21.85 33.87 17.26
N PHE B 153 -22.31 32.92 16.44
CA PHE B 153 -22.26 31.49 16.71
C PHE B 153 -22.71 30.79 15.43
N PRO B 154 -22.01 29.76 14.94
CA PRO B 154 -20.77 29.06 15.32
C PRO B 154 -19.45 29.80 15.04
N GLU B 155 -18.34 29.06 15.11
CA GLU B 155 -17.05 29.66 15.45
C GLU B 155 -16.44 30.44 14.28
N SER B 156 -16.53 29.92 13.06
CA SER B 156 -15.71 30.43 11.97
C SER B 156 -16.34 31.68 11.34
N VAL B 157 -15.56 32.77 11.29
CA VAL B 157 -15.86 33.96 10.51
C VAL B 157 -14.58 34.41 9.84
N THR B 158 -14.72 35.20 8.77
CA THR B 158 -13.57 35.71 8.02
C THR B 158 -13.74 37.20 7.79
N VAL B 159 -12.76 37.99 8.21
CA VAL B 159 -12.76 39.44 8.00
C VAL B 159 -11.71 39.77 6.95
N THR B 160 -12.17 40.33 5.83
CA THR B 160 -11.30 40.76 4.74
C THR B 160 -11.39 42.27 4.61
N TRP B 161 -10.23 42.94 4.61
CA TRP B 161 -10.17 44.38 4.59
C TRP B 161 -9.99 44.89 3.17
N ASN B 162 -10.85 45.83 2.77
CA ASN B 162 -10.75 46.50 1.48
C ASN B 162 -10.47 47.98 1.76
N SER B 163 -9.20 48.35 1.71
CA SER B 163 -8.78 49.72 2.01
C SER B 163 -8.00 50.31 0.85
N GLY B 164 -7.04 51.17 1.15
CA GLY B 164 -6.15 51.68 0.13
C GLY B 164 -5.25 50.59 -0.44
N SER B 165 -4.64 50.90 -1.58
CA SER B 165 -3.78 49.94 -2.25
C SER B 165 -2.56 49.60 -1.40
N LEU B 166 -2.56 48.42 -0.82
CA LEU B 166 -1.46 47.92 0.03
C LEU B 166 -1.26 48.90 1.19
N SER B 167 -0.04 48.95 1.74
CA SER B 167 0.31 49.87 2.82
C SER B 167 -0.63 49.72 4.02
N SER B 168 -1.02 48.49 4.33
CA SER B 168 -1.92 48.21 5.42
C SER B 168 -1.42 47.00 6.20
N SER B 169 -1.40 47.11 7.52
CA SER B 169 -1.02 46.01 8.39
C SER B 169 -2.27 45.48 9.08
N VAL B 170 -2.68 44.28 8.72
CA VAL B 170 -3.91 43.68 9.23
C VAL B 170 -3.57 42.70 10.35
N HIS B 171 -4.34 42.75 11.43
CA HIS B 171 -4.22 41.82 12.54
C HIS B 171 -5.60 41.26 12.85
N THR B 172 -5.76 39.95 12.67
CA THR B 172 -7.01 39.27 12.97
C THR B 172 -6.88 38.58 14.33
N PHE B 173 -7.77 38.92 15.25
CA PHE B 173 -7.61 38.37 16.59
C PHE B 173 -8.54 37.19 16.81
N PRO B 174 -8.04 36.14 17.47
CA PRO B 174 -8.86 34.94 17.69
C PRO B 174 -10.10 35.24 18.52
N ALA B 175 -11.14 34.45 18.29
CA ALA B 175 -12.42 34.67 18.92
C ALA B 175 -12.47 34.06 20.31
N LEU B 176 -13.01 34.82 21.26
CA LEU B 176 -13.24 34.34 22.61
C LEU B 176 -14.73 34.22 22.88
N LEU B 177 -15.07 33.53 23.95
CA LEU B 177 -16.45 33.26 24.31
C LEU B 177 -16.85 34.15 25.48
N GLN B 178 -17.81 35.03 25.24
CA GLN B 178 -18.37 35.87 26.30
C GLN B 178 -19.89 35.88 26.16
N SER B 179 -20.59 35.85 27.30
CA SER B 179 -22.05 35.84 27.33
C SER B 179 -22.63 34.72 26.47
N GLY B 180 -21.93 33.59 26.41
CA GLY B 180 -22.37 32.46 25.62
C GLY B 180 -22.23 32.60 24.13
N LEU B 181 -21.66 33.69 23.64
CA LEU B 181 -21.50 33.92 22.21
C LEU B 181 -20.04 34.25 21.90
N TYR B 182 -19.68 34.10 20.63
CA TYR B 182 -18.33 34.39 20.19
C TYR B 182 -18.16 35.90 19.93
N THR B 183 -16.96 36.39 20.20
CA THR B 183 -16.62 37.78 19.96
C THR B 183 -15.14 37.88 19.63
N MET B 184 -14.82 38.64 18.59
CA MET B 184 -13.44 38.88 18.19
C MET B 184 -13.37 40.25 17.52
N SER B 185 -12.18 40.59 17.02
CA SER B 185 -11.96 41.90 16.40
C SER B 185 -10.90 41.75 15.33
N SER B 186 -10.76 42.81 14.53
CA SER B 186 -9.72 42.85 13.49
C SER B 186 -9.27 44.28 13.31
N SER B 187 -7.96 44.51 13.36
CA SER B 187 -7.39 45.83 13.19
C SER B 187 -6.64 45.92 11.87
N VAL B 188 -6.42 47.16 11.43
CA VAL B 188 -5.66 47.42 10.22
C VAL B 188 -5.02 48.80 10.36
N THR B 189 -3.77 48.92 9.92
CA THR B 189 -3.04 50.18 9.99
C THR B 189 -2.77 50.68 8.58
N VAL B 190 -3.19 51.90 8.30
CA VAL B 190 -3.03 52.54 7.00
C VAL B 190 -2.43 53.92 7.21
N PRO B 191 -1.74 54.47 6.21
CA PRO B 191 -1.12 55.78 6.38
C PRO B 191 -2.16 56.87 6.56
N SER B 192 -1.72 57.96 7.20
CA SER B 192 -2.60 59.10 7.47
C SER B 192 -3.03 59.82 6.21
N SER B 193 -2.44 59.49 5.06
CA SER B 193 -2.87 60.09 3.80
C SER B 193 -4.17 59.48 3.28
N THR B 194 -4.42 58.21 3.61
CA THR B 194 -5.62 57.53 3.09
C THR B 194 -6.85 57.89 3.89
N TRP B 195 -6.96 57.39 5.11
CA TRP B 195 -8.15 57.64 5.90
C TRP B 195 -8.14 59.07 6.46
N PRO B 196 -9.27 59.78 6.40
CA PRO B 196 -10.54 59.28 5.87
C PRO B 196 -10.80 59.69 4.42
N SER B 197 -9.79 60.23 3.74
CA SER B 197 -9.97 60.65 2.35
C SER B 197 -10.34 59.48 1.46
N GLN B 198 -9.77 58.31 1.73
CA GLN B 198 -10.13 57.09 1.02
C GLN B 198 -11.06 56.24 1.89
N THR B 199 -11.84 55.39 1.22
CA THR B 199 -12.80 54.54 1.89
C THR B 199 -12.12 53.25 2.34
N VAL B 200 -12.27 52.92 3.62
CA VAL B 200 -11.70 51.70 4.20
C VAL B 200 -12.86 50.89 4.76
N THR B 201 -13.12 49.73 4.16
CA THR B 201 -14.22 48.88 4.57
C THR B 201 -13.70 47.55 5.10
N CYS B 202 -14.41 47.01 6.09
CA CYS B 202 -14.13 45.67 6.61
C CYS B 202 -15.31 44.77 6.26
N SER B 203 -15.01 43.59 5.73
CA SER B 203 -16.01 42.61 5.34
C SER B 203 -15.97 41.44 6.32
N VAL B 204 -17.12 41.14 6.91
CA VAL B 204 -17.27 40.04 7.85
C VAL B 204 -18.16 39.00 7.21
N ALA B 205 -17.59 37.83 6.92
CA ALA B 205 -18.30 36.72 6.31
C ALA B 205 -18.51 35.64 7.36
N HIS B 206 -19.77 35.34 7.66
CA HIS B 206 -20.17 34.25 8.55
C HIS B 206 -20.97 33.27 7.70
N PRO B 207 -20.32 32.25 7.12
CA PRO B 207 -21.06 31.29 6.28
C PRO B 207 -21.99 30.39 7.07
N ALA B 208 -21.75 30.22 8.36
CA ALA B 208 -22.65 29.40 9.17
C ALA B 208 -24.06 29.99 9.19
N SER B 209 -24.17 31.31 9.24
CA SER B 209 -25.43 31.99 9.06
C SER B 209 -25.62 32.53 7.65
N SER B 210 -24.62 32.32 6.77
CA SER B 210 -24.66 32.79 5.39
C SER B 210 -24.93 34.28 5.32
N THR B 211 -24.22 35.04 6.14
CA THR B 211 -24.39 36.48 6.21
C THR B 211 -23.04 37.17 5.97
N THR B 212 -23.08 38.28 5.25
CA THR B 212 -21.88 39.05 4.93
C THR B 212 -22.17 40.52 5.19
N VAL B 213 -21.37 41.14 6.05
CA VAL B 213 -21.53 42.54 6.41
C VAL B 213 -20.32 43.32 5.90
N ASP B 214 -20.56 44.57 5.51
CA ASP B 214 -19.52 45.46 5.03
C ASP B 214 -19.63 46.79 5.78
N LYS B 215 -18.68 47.07 6.67
CA LYS B 215 -18.66 48.31 7.42
C LYS B 215 -17.67 49.29 6.79
N LYS B 216 -18.05 50.56 6.76
CA LYS B 216 -17.33 51.57 5.99
C LYS B 216 -16.40 52.45 6.83
N LEU B 217 -16.50 52.38 8.15
CA LEU B 217 -15.63 53.15 9.05
C LEU B 217 -15.72 54.66 8.79
N GLU B 218 -16.80 55.28 9.26
CA GLU B 218 -16.79 56.73 9.13
C GLU B 218 -16.21 57.37 10.39
N PRO B 219 -15.57 58.53 10.26
CA PRO B 219 -15.02 59.21 11.44
C PRO B 219 -16.11 59.66 12.38
N SER B 220 -15.79 59.64 13.67
CA SER B 220 -16.74 60.05 14.70
C SER B 220 -16.41 61.44 15.24
N ASP C 1 -3.55 4.20 24.99
CA ASP C 1 -3.67 4.65 26.37
C ASP C 1 -2.36 5.25 26.87
N ILE C 2 -1.31 5.11 26.06
CA ILE C 2 0.01 5.62 26.44
C ILE C 2 -0.03 7.14 26.48
N VAL C 3 0.39 7.70 27.60
CA VAL C 3 0.41 9.15 27.78
C VAL C 3 1.74 9.70 27.27
N LEU C 4 1.66 10.69 26.39
CA LEU C 4 2.84 11.35 25.84
C LEU C 4 2.98 12.73 26.46
N THR C 5 4.19 13.06 26.91
CA THR C 5 4.49 14.34 27.54
C THR C 5 5.63 15.00 26.77
N GLN C 6 5.33 16.11 26.11
CA GLN C 6 6.31 16.87 25.35
C GLN C 6 6.86 18.01 26.20
N SER C 7 8.17 18.23 26.12
CA SER C 7 8.80 19.30 26.86
C SER C 7 9.98 19.85 26.08
N PRO C 8 10.15 21.18 26.02
CA PRO C 8 9.24 22.15 26.65
C PRO C 8 7.97 22.37 25.85
N ALA C 9 6.96 22.98 26.49
CA ALA C 9 5.69 23.22 25.81
C ALA C 9 5.77 24.43 24.89
N ILE C 10 6.42 25.50 25.35
CA ILE C 10 6.61 26.70 24.55
C ILE C 10 8.09 27.05 24.60
N MET C 11 8.73 27.13 23.43
CA MET C 11 10.13 27.51 23.34
C MET C 11 10.33 28.40 22.13
N SER C 12 11.38 29.23 22.19
CA SER C 12 11.72 30.14 21.11
C SER C 12 13.12 29.81 20.59
N ALA C 13 13.38 30.25 19.36
CA ALA C 13 14.66 29.97 18.72
C ALA C 13 14.90 31.00 17.62
N SER C 14 16.14 31.47 17.52
CA SER C 14 16.56 32.37 16.47
C SER C 14 17.04 31.59 15.26
N PRO C 15 17.00 32.19 14.06
CA PRO C 15 17.53 31.50 12.89
C PRO C 15 19.00 31.14 13.07
N GLY C 16 19.34 29.92 12.66
CA GLY C 16 20.70 29.44 12.83
C GLY C 16 20.99 28.87 14.20
N GLU C 17 20.01 28.28 14.85
CA GLU C 17 20.19 27.66 16.16
C GLU C 17 19.71 26.22 16.11
N LYS C 18 20.26 25.41 17.01
CA LYS C 18 19.86 24.01 17.14
C LYS C 18 18.66 23.93 18.08
N VAL C 19 17.63 23.19 17.65
CA VAL C 19 16.41 23.04 18.42
C VAL C 19 16.20 21.57 18.72
N THR C 20 15.81 21.26 19.96
CA THR C 20 15.56 19.89 20.37
C THR C 20 14.40 19.86 21.36
N MET C 21 13.38 19.05 21.06
CA MET C 21 12.22 18.89 21.92
C MET C 21 12.04 17.43 22.26
N THR C 22 11.63 17.16 23.50
CA THR C 22 11.52 15.81 24.02
C THR C 22 10.08 15.36 24.10
N CYS C 23 9.89 14.05 23.95
CA CYS C 23 8.58 13.40 24.02
C CYS C 23 8.77 12.13 24.82
N SER C 24 8.30 12.13 26.06
CA SER C 24 8.43 10.98 26.95
C SER C 24 7.11 10.23 27.04
N ALA C 25 7.18 8.91 27.12
CA ALA C 25 6.00 8.06 27.14
C ALA C 25 5.87 7.36 28.48
N SER C 26 4.63 7.09 28.88
CA SER C 26 4.39 6.33 30.10
C SER C 26 4.88 4.90 29.95
N SER C 27 4.32 4.17 28.99
CA SER C 27 4.76 2.82 28.67
C SER C 27 5.78 2.86 27.54
N SER C 28 6.38 1.69 27.29
CA SER C 28 7.32 1.58 26.17
C SER C 28 6.59 1.73 24.85
N VAL C 29 7.28 2.31 23.86
CA VAL C 29 6.71 2.62 22.56
C VAL C 29 7.54 1.94 21.48
N THR C 30 6.86 1.34 20.50
CA THR C 30 7.53 0.72 19.38
C THR C 30 8.07 1.79 18.43
N TYR C 31 7.17 2.55 17.79
CA TYR C 31 7.55 3.55 16.82
C TYR C 31 7.00 4.91 17.22
N MET C 32 7.80 5.96 17.01
CA MET C 32 7.40 7.32 17.29
C MET C 32 7.33 8.11 15.98
N TYR C 33 6.38 9.04 15.91
CA TYR C 33 6.16 9.83 14.73
C TYR C 33 6.08 11.31 15.11
N TRP C 34 6.52 12.18 14.21
CA TRP C 34 6.58 13.61 14.47
C TRP C 34 5.90 14.36 13.34
N TYR C 35 4.95 15.22 13.71
CA TYR C 35 4.16 16.02 12.78
C TYR C 35 4.34 17.50 13.06
N GLN C 36 4.34 18.30 11.99
CA GLN C 36 4.41 19.75 12.08
C GLN C 36 3.10 20.35 11.61
N GLN C 37 2.63 21.38 12.34
CA GLN C 37 1.38 22.04 12.00
C GLN C 37 1.52 23.53 12.25
N LYS C 38 1.16 24.33 11.24
CA LYS C 38 1.12 25.79 11.33
C LYS C 38 -0.31 26.27 11.52
N PRO C 39 -0.49 27.47 12.08
CA PRO C 39 -1.85 27.95 12.34
C PRO C 39 -2.65 28.09 11.06
N GLY C 40 -3.92 27.66 11.11
CA GLY C 40 -4.82 27.77 9.99
C GLY C 40 -4.64 26.73 8.91
N SER C 41 -3.85 25.68 9.15
CA SER C 41 -3.60 24.66 8.14
C SER C 41 -3.58 23.29 8.79
N SER C 42 -3.47 22.27 7.96
CA SER C 42 -3.45 20.88 8.38
C SER C 42 -2.04 20.44 8.76
N PRO C 43 -1.90 19.38 9.53
CA PRO C 43 -0.57 18.88 9.88
C PRO C 43 0.12 18.23 8.69
N ARG C 44 1.44 18.14 8.78
CA ARG C 44 2.24 17.42 7.80
C ARG C 44 3.22 16.51 8.52
N LEU C 45 3.55 15.39 7.90
CA LEU C 45 4.41 14.39 8.52
C LEU C 45 5.86 14.80 8.42
N LEU C 46 6.56 14.83 9.55
CA LEU C 46 7.99 15.10 9.59
C LEU C 46 8.80 13.81 9.69
N ILE C 47 8.60 13.04 10.77
CA ILE C 47 9.40 11.85 11.03
C ILE C 47 8.47 10.65 11.17
N TYR C 48 8.82 9.57 10.49
CA TYR C 48 8.12 8.29 10.63
C TYR C 48 9.10 7.22 11.08
N ASP C 49 8.58 6.25 11.84
CA ASP C 49 9.38 5.16 12.41
C ASP C 49 10.57 5.70 13.19
N THR C 50 10.25 6.54 14.18
CA THR C 50 11.21 7.07 15.16
C THR C 50 12.29 7.95 14.53
N SER C 51 13.00 7.44 13.51
CA SER C 51 14.20 8.13 13.06
C SER C 51 14.33 8.23 11.53
N ASN C 52 13.23 8.09 10.79
CA ASN C 52 13.28 8.17 9.33
C ASN C 52 12.64 9.47 8.86
N LEU C 53 13.33 10.15 7.95
CA LEU C 53 12.86 11.43 7.44
C LEU C 53 11.83 11.21 6.35
N ALA C 54 10.72 11.95 6.43
CA ALA C 54 9.67 11.83 5.44
C ALA C 54 10.06 12.56 4.15
N SER C 55 9.41 12.16 3.06
CA SER C 55 9.72 12.73 1.76
C SER C 55 9.36 14.21 1.71
N GLY C 56 10.26 15.01 1.14
CA GLY C 56 10.07 16.44 1.04
C GLY C 56 10.43 17.23 2.27
N VAL C 57 10.77 16.57 3.37
CA VAL C 57 11.15 17.26 4.61
C VAL C 57 12.64 17.55 4.56
N PRO C 58 13.07 18.76 4.95
CA PRO C 58 14.50 19.07 4.93
C PRO C 58 15.31 18.13 5.82
N VAL C 59 16.60 18.03 5.51
CA VAL C 59 17.50 17.16 6.26
C VAL C 59 17.75 17.69 7.66
N ARG C 60 17.44 18.96 7.92
CA ARG C 60 17.64 19.52 9.26
C ARG C 60 16.81 18.76 10.29
N PHE C 61 15.62 18.32 9.92
CA PHE C 61 14.75 17.60 10.84
C PHE C 61 15.25 16.18 11.04
N SER C 62 15.40 15.78 12.30
CA SER C 62 15.83 14.44 12.64
C SER C 62 15.10 13.99 13.90
N GLY C 63 14.76 12.71 13.95
CA GLY C 63 14.10 12.13 15.10
C GLY C 63 14.94 11.04 15.72
N SER C 64 14.88 10.93 17.04
CA SER C 64 15.66 9.94 17.75
C SER C 64 14.90 9.51 19.00
N GLY C 65 15.49 8.58 19.74
CA GLY C 65 14.91 8.08 20.96
C GLY C 65 14.55 6.60 20.87
N SER C 66 14.26 6.03 22.03
CA SER C 66 13.83 4.64 22.14
C SER C 66 13.18 4.47 23.51
N GLY C 67 12.65 3.26 23.73
CA GLY C 67 11.99 2.94 24.98
C GLY C 67 10.86 3.87 25.33
N THR C 68 11.11 4.80 26.25
CA THR C 68 10.10 5.77 26.68
C THR C 68 10.58 7.21 26.55
N SER C 69 11.63 7.46 25.75
CA SER C 69 12.16 8.79 25.59
C SER C 69 12.53 9.01 24.13
N TYR C 70 11.89 9.99 23.49
CA TYR C 70 12.14 10.32 22.09
C TYR C 70 12.37 11.82 21.99
N SER C 71 12.80 12.27 20.81
CA SER C 71 13.14 13.67 20.65
C SER C 71 13.19 14.03 19.16
N LEU C 72 12.79 15.27 18.87
CA LEU C 72 12.90 15.86 17.54
C LEU C 72 13.94 16.97 17.59
N THR C 73 14.71 17.09 16.52
CA THR C 73 15.82 18.05 16.47
C THR C 73 15.88 18.70 15.11
N ILE C 74 15.84 20.03 15.09
CA ILE C 74 16.15 20.83 13.92
C ILE C 74 17.60 21.29 14.08
N SER C 75 18.48 20.80 13.19
CA SER C 75 19.90 21.08 13.33
C SER C 75 20.19 22.57 13.18
N ARG C 76 19.59 23.21 12.18
CA ARG C 76 19.76 24.65 11.95
C ARG C 76 18.38 25.28 11.81
N MET C 77 18.03 26.14 12.76
CA MET C 77 16.70 26.75 12.78
C MET C 77 16.49 27.63 11.56
N GLU C 78 15.32 27.48 10.93
CA GLU C 78 14.91 28.32 9.81
C GLU C 78 13.62 29.03 10.19
N ALA C 79 13.38 30.17 9.55
CA ALA C 79 12.18 30.95 9.84
C ALA C 79 10.91 30.21 9.44
N GLU C 80 11.01 29.28 8.48
CA GLU C 80 9.86 28.50 8.06
C GLU C 80 9.53 27.36 9.02
N ASP C 81 10.37 27.12 10.03
CA ASP C 81 10.16 26.01 10.94
C ASP C 81 9.25 26.35 12.11
N ALA C 82 9.08 27.63 12.43
CA ALA C 82 8.29 28.05 13.57
C ALA C 82 6.85 27.59 13.44
N ALA C 83 6.47 26.56 14.21
CA ALA C 83 5.12 26.00 14.16
C ALA C 83 4.89 25.21 15.45
N THR C 84 3.91 24.32 15.44
CA THR C 84 3.61 23.44 16.56
C THR C 84 3.93 22.00 16.14
N PHE C 85 4.65 21.29 17.00
CA PHE C 85 5.14 19.95 16.70
C PHE C 85 4.52 18.94 17.64
N TYR C 86 3.99 17.86 17.08
CA TYR C 86 3.36 16.80 17.84
C TYR C 86 4.13 15.49 17.67
N CYS C 87 4.12 14.68 18.72
CA CYS C 87 4.62 13.31 18.66
C CYS C 87 3.46 12.34 18.84
N GLN C 88 3.44 11.29 18.02
CA GLN C 88 2.40 10.27 18.06
C GLN C 88 3.05 8.91 18.15
N GLN C 89 2.65 8.12 19.14
CA GLN C 89 3.28 6.84 19.38
C GLN C 89 2.44 5.72 18.77
N TRP C 90 3.11 4.65 18.37
CA TRP C 90 2.44 3.38 18.12
C TRP C 90 3.20 2.26 18.80
N SER C 91 2.53 1.54 19.69
CA SER C 91 2.92 0.21 20.17
C SER C 91 1.78 -0.79 20.16
N SER C 92 0.54 -0.34 20.33
CA SER C 92 -0.70 -1.11 20.24
C SER C 92 -1.84 -0.10 20.21
N TYR C 93 -2.83 -0.36 19.37
CA TYR C 93 -3.96 0.55 19.29
C TYR C 93 -4.67 0.62 20.65
N PRO C 94 -5.24 1.79 21.01
CA PRO C 94 -5.39 3.00 20.20
C PRO C 94 -4.12 3.85 20.09
N LEU C 95 -4.17 4.86 19.23
CA LEU C 95 -3.06 5.78 19.02
C LEU C 95 -3.26 7.03 19.87
N THR C 96 -2.15 7.61 20.30
CA THR C 96 -2.18 8.80 21.17
C THR C 96 -1.16 9.81 20.69
N PHE C 97 -1.51 11.08 20.81
CA PHE C 97 -0.63 12.20 20.50
C PHE C 97 -0.08 12.80 21.79
N GLY C 98 0.85 13.74 21.62
CA GLY C 98 1.27 14.61 22.70
C GLY C 98 0.46 15.90 22.70
N ALA C 99 0.72 16.72 23.72
CA ALA C 99 0.03 18.01 23.80
C ALA C 99 0.52 18.97 22.74
N GLY C 100 1.76 18.82 22.29
CA GLY C 100 2.35 19.69 21.30
C GLY C 100 3.42 20.58 21.90
N THR C 101 4.24 21.14 21.01
CA THR C 101 5.30 22.07 21.38
C THR C 101 5.24 23.25 20.41
N LYS C 102 4.89 24.43 20.92
CA LYS C 102 4.78 25.63 20.11
C LYS C 102 6.16 26.27 20.02
N LEU C 103 6.76 26.21 18.82
CA LEU C 103 8.08 26.78 18.57
C LEU C 103 7.90 28.13 17.90
N GLU C 104 8.10 29.20 18.67
CA GLU C 104 8.04 30.55 18.12
C GLU C 104 9.42 31.01 17.68
N LEU C 105 9.43 31.97 16.76
CA LEU C 105 10.68 32.52 16.24
C LEU C 105 11.17 33.62 17.17
N LYS C 106 12.36 33.45 17.74
CA LYS C 106 12.94 34.46 18.59
C LYS C 106 13.21 35.74 17.81
N ARG C 107 13.07 36.87 18.48
CA ARG C 107 13.08 38.16 17.82
C ARG C 107 13.53 39.23 18.81
N ALA C 108 13.99 40.35 18.27
CA ALA C 108 14.31 41.49 19.11
C ALA C 108 13.05 42.01 19.80
N ASP C 109 13.22 42.57 20.99
CA ASP C 109 12.08 43.08 21.74
C ASP C 109 11.49 44.30 21.05
N ALA C 110 10.16 44.34 20.98
CA ALA C 110 9.43 45.43 20.33
C ALA C 110 8.38 45.96 21.29
N ALA C 111 8.29 47.29 21.39
CA ALA C 111 7.29 47.88 22.26
C ALA C 111 5.94 47.94 21.53
N PRO C 112 4.83 47.77 22.25
CA PRO C 112 3.53 47.76 21.58
C PRO C 112 3.10 49.14 21.13
N THR C 113 2.42 49.19 20.00
CA THR C 113 1.79 50.40 19.51
C THR C 113 0.33 50.38 19.96
N VAL C 114 0.00 51.19 20.94
CA VAL C 114 -1.31 51.16 21.60
C VAL C 114 -2.21 52.21 20.96
N SER C 115 -3.44 51.81 20.65
CA SER C 115 -4.44 52.74 20.13
C SER C 115 -5.80 52.37 20.71
N ILE C 116 -6.47 53.35 21.30
CA ILE C 116 -7.74 53.12 21.98
C ILE C 116 -8.88 53.63 21.11
N PHE C 117 -10.06 53.02 21.28
CA PHE C 117 -11.24 53.31 20.48
C PHE C 117 -12.49 53.33 21.35
N PRO C 118 -13.23 54.43 21.35
CA PRO C 118 -14.49 54.48 22.10
C PRO C 118 -15.59 53.74 21.35
N PRO C 119 -16.69 53.41 22.02
CA PRO C 119 -17.77 52.68 21.34
C PRO C 119 -18.38 53.49 20.20
N SER C 120 -18.70 52.80 19.12
CA SER C 120 -19.24 53.44 17.94
C SER C 120 -20.66 53.95 18.19
N SER C 121 -21.18 54.70 17.22
CA SER C 121 -22.56 55.18 17.33
C SER C 121 -23.56 54.04 17.16
N GLU C 122 -23.22 53.03 16.34
CA GLU C 122 -24.12 51.90 16.16
C GLU C 122 -24.34 51.16 17.47
N GLN C 123 -23.26 50.86 18.19
CA GLN C 123 -23.40 50.12 19.44
C GLN C 123 -24.10 50.95 20.51
N LEU C 124 -23.84 52.26 20.55
CA LEU C 124 -24.50 53.11 21.52
C LEU C 124 -25.98 53.19 21.25
N THR C 125 -26.37 53.48 20.01
CA THR C 125 -27.79 53.47 19.66
C THR C 125 -28.40 52.08 19.82
N SER C 126 -27.58 51.03 19.83
CA SER C 126 -28.09 49.69 20.09
C SER C 126 -28.37 49.47 21.57
N GLY C 127 -27.48 49.92 22.44
CA GLY C 127 -27.70 49.80 23.86
C GLY C 127 -26.48 49.38 24.67
N GLY C 128 -25.44 48.89 23.99
CA GLY C 128 -24.22 48.45 24.65
C GLY C 128 -23.09 49.45 24.44
N ALA C 129 -22.03 49.26 25.22
CA ALA C 129 -20.86 50.14 25.14
C ALA C 129 -19.60 49.31 25.32
N SER C 130 -18.84 49.13 24.24
CA SER C 130 -17.57 48.44 24.29
C SER C 130 -16.46 49.42 23.94
N VAL C 131 -15.47 49.51 24.83
CA VAL C 131 -14.28 50.32 24.60
C VAL C 131 -13.14 49.39 24.23
N VAL C 132 -12.55 49.59 23.06
CA VAL C 132 -11.55 48.67 22.53
C VAL C 132 -10.17 49.30 22.67
N CYS C 133 -9.15 48.44 22.79
CA CYS C 133 -7.76 48.89 22.89
C CYS C 133 -6.90 47.88 22.15
N PHE C 134 -6.12 48.36 21.19
CA PHE C 134 -5.28 47.53 20.35
C PHE C 134 -3.81 47.75 20.70
N LEU C 135 -3.09 46.66 20.95
CA LEU C 135 -1.64 46.68 21.17
C LEU C 135 -1.01 45.95 19.99
N ASN C 136 -0.46 46.72 19.05
CA ASN C 136 0.00 46.17 17.79
C ASN C 136 1.51 45.99 17.79
N ASN C 137 1.95 44.82 17.28
CA ASN C 137 3.35 44.57 16.96
C ASN C 137 4.28 44.78 18.14
N PHE C 138 4.28 43.84 19.08
CA PHE C 138 5.19 43.87 20.21
C PHE C 138 5.82 42.50 20.41
N TYR C 139 6.93 42.48 21.15
CA TYR C 139 7.65 41.27 21.47
C TYR C 139 8.39 41.52 22.78
N PRO C 140 8.41 40.56 23.71
CA PRO C 140 7.79 39.23 23.65
C PRO C 140 6.27 39.23 23.74
N LYS C 141 5.69 38.02 23.72
CA LYS C 141 4.23 37.89 23.74
C LYS C 141 3.66 38.28 25.09
N ASP C 142 4.41 38.10 26.17
CA ASP C 142 3.90 38.39 27.50
C ASP C 142 3.69 39.88 27.68
N ILE C 143 2.47 40.26 28.09
CA ILE C 143 2.14 41.67 28.31
C ILE C 143 0.93 41.71 29.23
N ASN C 144 0.87 42.74 30.06
CA ASN C 144 -0.23 42.93 31.00
C ASN C 144 -1.02 44.18 30.63
N VAL C 145 -2.33 44.13 30.85
CA VAL C 145 -3.24 45.22 30.48
C VAL C 145 -4.21 45.46 31.63
N LYS C 146 -4.37 46.73 32.01
CA LYS C 146 -5.34 47.14 33.02
C LYS C 146 -6.20 48.25 32.46
N TRP C 147 -7.52 48.07 32.55
CA TRP C 147 -8.46 49.13 32.24
C TRP C 147 -8.75 49.95 33.49
N LYS C 148 -8.89 51.26 33.31
CA LYS C 148 -9.16 52.15 34.44
C LYS C 148 -10.21 53.17 34.03
N ILE C 149 -11.36 53.12 34.70
CA ILE C 149 -12.45 54.07 34.49
C ILE C 149 -12.39 55.13 35.57
N ASP C 150 -12.11 56.38 35.16
CA ASP C 150 -11.96 57.50 36.09
C ASP C 150 -10.94 57.18 37.18
N GLY C 151 -9.86 56.49 36.79
CA GLY C 151 -8.81 56.14 37.72
C GLY C 151 -9.04 54.87 38.51
N SER C 152 -10.24 54.28 38.44
CA SER C 152 -10.54 53.08 39.20
C SER C 152 -10.30 51.85 38.33
N GLU C 153 -9.57 50.87 38.88
CA GLU C 153 -9.23 49.68 38.11
C GLU C 153 -10.47 48.84 37.85
N ARG C 154 -10.64 48.39 36.61
CA ARG C 154 -11.81 47.65 36.17
C ARG C 154 -11.36 46.46 35.35
N GLN C 155 -11.70 45.26 35.79
CA GLN C 155 -11.38 44.04 35.06
C GLN C 155 -12.59 43.16 34.79
N ASN C 156 -13.77 43.55 35.25
CA ASN C 156 -14.99 42.82 34.95
C ASN C 156 -15.50 43.23 33.57
N GLY C 157 -15.54 42.28 32.65
CA GLY C 157 -15.99 42.55 31.30
C GLY C 157 -14.89 42.85 30.32
N VAL C 158 -13.68 42.37 30.56
CA VAL C 158 -12.53 42.60 29.69
C VAL C 158 -12.19 41.31 28.98
N LEU C 159 -11.85 41.40 27.70
CA LEU C 159 -11.41 40.26 26.91
C LEU C 159 -10.08 40.59 26.26
N ASN C 160 -9.08 39.72 26.49
CA ASN C 160 -7.76 39.87 25.90
C ASN C 160 -7.51 38.70 24.96
N SER C 161 -7.18 39.01 23.72
CA SER C 161 -6.94 37.98 22.69
C SER C 161 -5.63 38.28 22.00
N TRP C 162 -4.70 37.32 22.06
CA TRP C 162 -3.42 37.42 21.38
C TRP C 162 -3.51 36.75 20.00
N THR C 163 -2.88 37.36 19.01
CA THR C 163 -2.73 36.71 17.72
C THR C 163 -1.62 35.66 17.78
N ASP C 164 -1.55 34.85 16.73
CA ASP C 164 -0.36 34.05 16.51
C ASP C 164 0.79 34.95 16.08
N GLN C 165 2.00 34.42 16.14
CA GLN C 165 3.17 35.20 15.77
C GLN C 165 3.08 35.61 14.31
N ASP C 166 3.03 36.92 14.07
CA ASP C 166 2.88 37.43 12.72
C ASP C 166 4.02 36.97 11.83
N SER C 167 3.68 36.33 10.71
CA SER C 167 4.69 35.81 9.80
C SER C 167 5.48 36.91 9.09
N LYS C 168 5.01 38.16 9.12
CA LYS C 168 5.70 39.22 8.41
C LYS C 168 6.90 39.75 9.19
N ASP C 169 6.74 39.93 10.52
CA ASP C 169 7.81 40.49 11.33
C ASP C 169 8.01 39.75 12.64
N SER C 170 7.44 38.54 12.77
CA SER C 170 7.65 37.67 13.92
C SER C 170 7.24 38.37 15.22
N THR C 171 6.14 39.10 15.17
CA THR C 171 5.69 39.92 16.28
C THR C 171 4.34 39.42 16.79
N TYR C 172 3.91 39.99 17.90
CA TYR C 172 2.62 39.66 18.50
C TYR C 172 1.78 40.93 18.65
N SER C 173 0.46 40.75 18.55
CA SER C 173 -0.49 41.82 18.79
C SER C 173 -1.63 41.28 19.63
N MET C 174 -2.21 42.13 20.48
CA MET C 174 -3.26 41.71 21.39
C MET C 174 -4.37 42.74 21.40
N SER C 175 -5.61 42.24 21.47
CA SER C 175 -6.80 43.09 21.50
C SER C 175 -7.48 42.95 22.86
N SER C 176 -7.81 44.09 23.47
CA SER C 176 -8.46 44.11 24.78
C SER C 176 -9.75 44.91 24.66
N THR C 177 -10.89 44.24 24.86
CA THR C 177 -12.20 44.87 24.75
C THR C 177 -12.87 44.90 26.10
N LEU C 178 -13.23 46.10 26.56
CA LEU C 178 -13.95 46.32 27.82
C LEU C 178 -15.41 46.58 27.48
N THR C 179 -16.25 45.56 27.68
CA THR C 179 -17.68 45.69 27.42
C THR C 179 -18.40 46.07 28.71
N LEU C 180 -19.41 46.93 28.58
CA LEU C 180 -20.20 47.37 29.72
C LEU C 180 -21.47 48.04 29.20
N THR C 181 -22.36 48.33 30.15
CA THR C 181 -23.66 48.90 29.82
C THR C 181 -23.52 50.36 29.39
N LYS C 182 -24.39 50.77 28.46
CA LYS C 182 -24.39 52.17 28.01
C LYS C 182 -24.64 53.12 29.18
N ASP C 183 -25.45 52.71 30.15
CA ASP C 183 -25.73 53.57 31.30
C ASP C 183 -24.45 53.84 32.09
N GLU C 184 -23.71 52.78 32.44
CA GLU C 184 -22.46 52.97 33.15
C GLU C 184 -21.44 53.73 32.32
N TYR C 185 -21.46 53.54 31.00
CA TYR C 185 -20.55 54.29 30.14
C TYR C 185 -20.84 55.79 30.19
N GLU C 186 -22.12 56.16 30.15
CA GLU C 186 -22.48 57.57 30.14
C GLU C 186 -22.25 58.24 31.49
N ARG C 187 -22.08 57.48 32.56
CA ARG C 187 -21.90 58.06 33.89
C ARG C 187 -20.45 58.34 34.23
N HIS C 188 -19.50 57.96 33.38
CA HIS C 188 -18.08 58.21 33.61
C HIS C 188 -17.50 58.94 32.41
N ASN C 189 -16.26 59.40 32.57
CA ASN C 189 -15.66 60.30 31.57
C ASN C 189 -14.31 59.80 31.09
N SER C 190 -13.41 59.48 32.01
CA SER C 190 -12.04 59.11 31.67
C SER C 190 -11.94 57.59 31.50
N TYR C 191 -11.46 57.16 30.33
CA TYR C 191 -11.26 55.75 30.03
C TYR C 191 -9.79 55.56 29.67
N THR C 192 -9.07 54.80 30.50
CA THR C 192 -7.63 54.64 30.39
C THR C 192 -7.29 53.18 30.12
N CYS C 193 -6.45 52.96 29.13
CA CYS C 193 -5.97 51.63 28.75
C CYS C 193 -4.47 51.58 29.07
N GLU C 194 -4.13 50.98 30.20
CA GLU C 194 -2.75 50.80 30.62
C GLU C 194 -2.26 49.42 30.23
N ALA C 195 -0.94 49.31 30.02
CA ALA C 195 -0.34 48.06 29.59
C ALA C 195 1.13 48.06 30.01
N THR C 196 1.47 47.19 30.97
CA THR C 196 2.85 47.00 31.37
C THR C 196 3.48 45.92 30.48
N HIS C 197 4.66 46.23 29.94
CA HIS C 197 5.37 45.31 29.07
C HIS C 197 6.85 45.37 29.40
N LYS C 198 7.59 44.34 28.95
CA LYS C 198 9.00 44.22 29.27
C LYS C 198 9.82 45.38 28.71
N THR C 199 9.35 46.01 27.63
CA THR C 199 10.15 47.01 26.93
C THR C 199 10.19 48.36 27.63
N SER C 200 9.39 48.58 28.67
CA SER C 200 9.37 49.86 29.36
C SER C 200 9.24 49.64 30.86
N THR C 201 10.00 50.44 31.63
CA THR C 201 9.97 50.33 33.08
C THR C 201 8.69 50.90 33.68
N SER C 202 8.03 51.84 32.99
CA SER C 202 6.76 52.39 33.40
C SER C 202 5.66 51.95 32.43
N PRO C 203 4.40 51.89 32.89
CA PRO C 203 3.34 51.38 32.01
C PRO C 203 3.15 52.26 30.78
N ILE C 204 2.69 51.62 29.70
CA ILE C 204 2.35 52.30 28.46
C ILE C 204 0.85 52.56 28.49
N VAL C 205 0.47 53.83 28.37
CA VAL C 205 -0.90 54.26 28.64
C VAL C 205 -1.48 54.93 27.41
N LYS C 206 -2.72 54.59 27.09
CA LYS C 206 -3.51 55.29 26.07
C LYS C 206 -4.90 55.52 26.63
N SER C 207 -5.25 56.78 26.85
CA SER C 207 -6.50 57.14 27.51
C SER C 207 -7.26 58.15 26.66
N PHE C 208 -8.53 58.34 27.00
CA PHE C 208 -9.34 59.39 26.39
C PHE C 208 -10.42 59.81 27.36
N ASN C 209 -10.79 61.08 27.29
CA ASN C 209 -11.92 61.63 28.03
C ASN C 209 -13.01 62.03 27.05
N ARG C 210 -14.27 61.75 27.43
CA ARG C 210 -15.38 62.09 26.56
C ARG C 210 -15.56 63.59 26.39
N ASN C 211 -14.89 64.41 27.20
CA ASN C 211 -14.95 65.86 27.06
C ASN C 211 -14.16 66.37 25.85
N GLU C 212 -13.39 65.51 25.20
CA GLU C 212 -12.62 65.92 24.02
C GLU C 212 -13.53 66.31 22.87
N ARG D 2 8.81 -10.06 10.92
CA ARG D 2 8.61 -10.71 9.62
C ARG D 2 7.67 -11.90 9.73
N VAL D 3 6.69 -11.96 8.82
CA VAL D 3 5.77 -13.09 8.73
C VAL D 3 5.65 -13.49 7.26
N TYR D 4 5.18 -14.71 7.04
CA TYR D 4 4.99 -15.24 5.69
C TYR D 4 3.57 -14.96 5.24
N ILE D 5 3.42 -14.05 4.29
CA ILE D 5 2.11 -13.63 3.82
C ILE D 5 1.75 -14.25 2.47
N HIS D 6 2.73 -14.62 1.65
CA HIS D 6 2.44 -15.10 0.31
C HIS D 6 1.62 -16.38 0.34
N PRO D 7 0.80 -16.62 -0.69
CA PRO D 7 -0.06 -17.82 -0.68
C PRO D 7 0.71 -19.13 -0.68
N ILE D 8 1.85 -19.18 -1.38
CA ILE D 8 2.67 -20.38 -1.41
C ILE D 8 4.05 -20.08 -0.84
#